data_9IZ5
#
_entry.id   9IZ5
#
_cell.length_a   52.418
_cell.length_b   120.578
_cell.length_c   137.067
_cell.angle_alpha   90.00
_cell.angle_beta   90.00
_cell.angle_gamma   90.00
#
_symmetry.space_group_name_H-M   'P 2 21 21'
#
loop_
_entity.id
_entity.type
_entity.pdbx_description
1 polymer 'L-alanine/L-glutamate racemase'
2 non-polymer DI(HYDROXYETHYL)ETHER
3 water water
#
_entity_poly.entity_id   1
_entity_poly.type   'polypeptide(L)'
_entity_poly.pdbx_seq_one_letter_code
;MNTDDILFSYGEEDIPLKALSFPIFETTNFYFDSFDEMSKALRNGDYEFVYKRGSNPTTRLVEKKLAALEECEDARLVAS
GMSAISLSILHFLSSGDHVVCVDEAYSWAKKFFNYLSKKFDIEVSYVPPDAERIVEAITKKTKLIYLESPTSMRMKVIDI
RKVTEAAGELKIKTVIDNTWASPIFQKPKLLGVDVVVHSAT(LLP)YISGHGDVMAGVIAGDVEDMKNIFVDEYKNIGPV
LSPIEAWLILRGLRTLELRMKKHYENALVVSDFLMDHPKVLEVNYPMNPRSPQYELASSQMSGGSGLMSFRLKTDSAEKV
KEFVESLRVFRMAVSWGSHENLVVPRVAYGDCPKKDVNLIRIHVGLGDPEKLVEDLDQALKKIAAALEHHHHHHHH
;
_entity_poly.pdbx_strand_id   A,B
#
# COMPACT_ATOMS: atom_id res chain seq x y z
N MET A 1 8.63 23.20 -19.42
CA MET A 1 8.43 22.92 -17.97
C MET A 1 8.89 24.14 -17.18
N ASN A 2 7.98 24.71 -16.41
CA ASN A 2 8.32 25.78 -15.49
C ASN A 2 8.02 25.35 -14.06
N THR A 3 9.04 25.31 -13.20
CA THR A 3 8.92 24.69 -11.88
C THR A 3 7.86 25.40 -11.07
N ASP A 4 7.92 26.73 -11.06
CA ASP A 4 7.00 27.50 -10.26
C ASP A 4 5.56 27.33 -10.75
N ASP A 5 5.36 27.35 -12.06
CA ASP A 5 4.01 27.10 -12.58
C ASP A 5 3.48 25.75 -12.07
N ILE A 6 4.36 24.76 -12.03
CA ILE A 6 3.92 23.42 -11.64
C ILE A 6 3.56 23.39 -10.16
N LEU A 7 4.42 23.97 -9.32
CA LEU A 7 4.25 23.93 -7.89
C LEU A 7 3.01 24.70 -7.46
N PHE A 8 2.74 25.84 -8.16
CA PHE A 8 1.87 26.84 -7.59
C PHE A 8 0.59 27.03 -8.38
N SER A 9 0.51 26.55 -9.61
CA SER A 9 -0.75 26.80 -10.32
C SER A 9 -1.27 25.64 -11.18
N TYR A 10 -0.39 24.80 -11.74
CA TYR A 10 -0.81 23.75 -12.65
C TYR A 10 -1.89 22.84 -12.05
N GLY A 11 -3.03 22.78 -12.77
CA GLY A 11 -4.15 21.96 -12.35
C GLY A 11 -5.13 22.63 -11.40
N GLU A 12 -4.85 23.86 -10.98
CA GLU A 12 -5.59 24.48 -9.88
C GLU A 12 -6.53 25.60 -10.39
N GLU A 13 -6.78 25.62 -11.70
CA GLU A 13 -7.57 26.67 -12.31
C GLU A 13 -9.01 26.56 -11.79
N ASP A 14 -9.55 25.33 -11.73
CA ASP A 14 -10.94 25.09 -11.36
C ASP A 14 -11.02 24.11 -10.18
N ILE A 15 -11.40 24.59 -9.02
CA ILE A 15 -11.42 23.81 -7.80
C ILE A 15 -12.84 23.82 -7.33
N PRO A 16 -13.39 22.69 -6.82
CA PRO A 16 -14.76 22.61 -6.29
C PRO A 16 -15.06 23.78 -5.35
N LEU A 17 -16.16 24.46 -5.63
CA LEU A 17 -16.72 25.58 -4.85
C LEU A 17 -15.75 26.78 -4.80
N LYS A 18 -14.77 26.79 -5.68
CA LYS A 18 -13.78 27.87 -5.81
C LYS A 18 -12.90 27.97 -4.57
N ALA A 19 -12.74 26.86 -3.89
CA ALA A 19 -11.78 26.85 -2.79
C ALA A 19 -10.39 27.08 -3.33
N LEU A 20 -9.51 27.71 -2.53
CA LEU A 20 -8.14 27.88 -3.00
C LEU A 20 -7.27 26.73 -2.53
N SER A 21 -7.52 26.19 -1.34
CA SER A 21 -6.88 24.93 -0.95
C SER A 21 -7.77 23.81 -1.50
N PHE A 22 -7.18 22.90 -2.25
CA PHE A 22 -7.95 21.82 -2.80
C PHE A 22 -8.57 21.03 -1.66
N PRO A 23 -9.87 20.70 -1.74
CA PRO A 23 -10.56 19.99 -0.68
C PRO A 23 -9.98 18.58 -0.53
N ILE A 24 -10.10 18.02 0.66
CA ILE A 24 -9.74 16.66 0.93
C ILE A 24 -10.93 15.74 0.65
N PHE A 25 -10.83 14.95 -0.42
CA PHE A 25 -11.86 13.99 -0.81
C PHE A 25 -11.63 12.67 -0.07
N GLU A 26 -11.86 12.67 1.24
CA GLU A 26 -11.66 11.48 2.06
C GLU A 26 -12.96 10.63 2.00
N THR A 27 -13.20 10.04 0.85
CA THR A 27 -14.38 9.23 0.54
C THR A 27 -13.93 7.92 -0.08
N THR A 28 -14.67 6.83 0.20
CA THR A 28 -14.35 5.58 -0.50
C THR A 28 -14.98 5.62 -1.87
N ASN A 29 -16.14 6.29 -1.95
CA ASN A 29 -17.02 6.10 -3.08
C ASN A 29 -17.66 7.40 -3.54
N PHE A 30 -18.39 7.26 -4.66
CA PHE A 30 -18.99 8.37 -5.37
C PHE A 30 -20.33 7.86 -5.91
N TYR A 31 -21.38 8.67 -5.85
CA TYR A 31 -22.70 8.21 -6.26
C TYR A 31 -22.83 8.50 -7.77
N PHE A 32 -23.81 7.84 -8.39
CA PHE A 32 -24.21 8.05 -9.78
C PHE A 32 -25.69 8.43 -9.85
N ASP A 33 -25.98 9.36 -10.74
CA ASP A 33 -27.35 9.69 -11.07
C ASP A 33 -27.89 8.84 -12.19
N SER A 34 -27.01 8.13 -12.88
CA SER A 34 -27.42 7.40 -14.07
C SER A 34 -26.77 6.03 -14.09
N PHE A 35 -27.59 5.03 -14.44
CA PHE A 35 -27.12 3.69 -14.68
C PHE A 35 -26.06 3.67 -15.76
N ASP A 36 -26.28 4.43 -16.86
CA ASP A 36 -25.32 4.45 -17.95
C ASP A 36 -23.95 4.97 -17.48
N GLU A 37 -23.95 6.02 -16.64
CA GLU A 37 -22.68 6.53 -16.12
C GLU A 37 -22.03 5.48 -15.22
N MET A 38 -22.84 4.81 -14.38
CA MET A 38 -22.30 3.81 -13.48
C MET A 38 -21.69 2.67 -14.29
N SER A 39 -22.36 2.26 -15.38
CA SER A 39 -21.81 1.23 -16.25
C SER A 39 -20.49 1.65 -16.87
N LYS A 40 -20.38 2.89 -17.36
CA LYS A 40 -19.09 3.35 -17.85
C LYS A 40 -18.00 3.26 -16.77
N ALA A 41 -18.35 3.67 -15.54
CA ALA A 41 -17.40 3.68 -14.42
C ALA A 41 -16.89 2.28 -14.08
N LEU A 42 -17.74 1.27 -14.28
CA LEU A 42 -17.42 -0.08 -13.87
C LEU A 42 -16.90 -0.91 -15.04
N ARG A 43 -16.81 -0.33 -16.24
CA ARG A 43 -16.21 -1.00 -17.40
C ARG A 43 -14.87 -0.39 -17.78
N ASN A 44 -14.80 0.95 -17.76
CA ASN A 44 -13.59 1.67 -18.17
C ASN A 44 -12.46 1.55 -17.14
N GLY A 45 -11.23 1.73 -17.66
CA GLY A 45 -10.03 1.71 -16.86
C GLY A 45 -9.98 2.76 -15.75
N ASP A 46 -10.41 3.99 -16.01
CA ASP A 46 -10.13 5.07 -15.07
C ASP A 46 -11.21 6.16 -15.04
N TYR A 47 -12.38 5.80 -14.58
CA TYR A 47 -13.47 6.77 -14.52
C TYR A 47 -13.28 7.78 -13.40
N GLU A 48 -13.57 9.06 -13.69
CA GLU A 48 -13.49 10.09 -12.67
C GLU A 48 -14.91 10.49 -12.27
N PHE A 49 -15.44 10.07 -11.10
CA PHE A 49 -14.83 9.26 -10.06
C PHE A 49 -15.80 8.15 -9.64
N VAL A 50 -15.24 7.08 -9.07
CA VAL A 50 -16.02 5.91 -8.71
C VAL A 50 -15.56 5.30 -7.39
N TYR A 51 -14.26 5.15 -7.16
CA TYR A 51 -13.82 4.43 -5.97
C TYR A 51 -12.39 4.77 -5.62
N LYS A 52 -12.08 4.67 -4.32
CA LYS A 52 -10.77 5.09 -3.83
C LYS A 52 -9.62 4.22 -4.32
N ARG A 53 -9.86 2.90 -4.58
CA ARG A 53 -8.88 2.08 -5.24
C ARG A 53 -9.12 2.34 -6.72
N GLY A 54 -8.61 3.50 -7.14
CA GLY A 54 -9.11 4.22 -8.30
C GLY A 54 -8.55 5.63 -8.24
N SER A 55 -9.02 6.49 -9.15
CA SER A 55 -8.62 7.89 -9.06
C SER A 55 -9.39 8.61 -7.94
N ASN A 56 -8.71 9.59 -7.33
CA ASN A 56 -9.31 10.42 -6.30
C ASN A 56 -9.05 11.87 -6.70
N PRO A 57 -9.98 12.82 -6.51
CA PRO A 57 -9.75 14.20 -6.98
C PRO A 57 -8.54 14.89 -6.34
N THR A 58 -8.37 14.67 -5.02
CA THR A 58 -7.25 15.25 -4.30
C THR A 58 -5.93 14.61 -4.78
N THR A 59 -5.88 13.29 -4.77
CA THR A 59 -4.66 12.59 -5.14
C THR A 59 -4.29 12.91 -6.61
N ARG A 60 -5.26 12.97 -7.51
CA ARG A 60 -4.97 13.17 -8.93
C ARG A 60 -4.34 14.53 -9.19
N LEU A 61 -4.75 15.57 -8.46
CA LEU A 61 -4.12 16.88 -8.60
C LEU A 61 -2.63 16.77 -8.28
N VAL A 62 -2.32 16.11 -7.16
CA VAL A 62 -0.93 15.98 -6.79
C VAL A 62 -0.16 15.14 -7.82
N GLU A 63 -0.74 14.03 -8.25
CA GLU A 63 -0.15 13.22 -9.29
C GLU A 63 0.21 14.03 -10.55
N LYS A 64 -0.73 14.83 -11.03
CA LYS A 64 -0.53 15.60 -12.23
C LYS A 64 0.64 16.58 -12.06
N LYS A 65 0.74 17.17 -10.86
CA LYS A 65 1.86 18.04 -10.57
C LYS A 65 3.18 17.26 -10.56
N LEU A 66 3.18 16.06 -9.96
CA LEU A 66 4.41 15.30 -9.87
C LEU A 66 4.86 14.85 -11.26
N ALA A 67 3.90 14.40 -12.10
CA ALA A 67 4.26 13.97 -13.43
C ALA A 67 4.94 15.13 -14.16
N ALA A 68 4.31 16.31 -14.09
CA ALA A 68 4.84 17.48 -14.76
C ALA A 68 6.24 17.86 -14.25
N LEU A 69 6.49 17.77 -12.95
CA LEU A 69 7.82 18.04 -12.45
C LEU A 69 8.85 17.09 -12.99
N GLU A 70 8.48 15.81 -13.19
CA GLU A 70 9.38 14.79 -13.69
C GLU A 70 9.44 14.82 -15.22
N GLU A 71 8.69 15.74 -15.84
CA GLU A 71 8.49 15.74 -17.28
C GLU A 71 8.12 14.36 -17.77
N CYS A 72 7.20 13.70 -17.05
CA CYS A 72 6.60 12.45 -17.50
C CYS A 72 5.13 12.70 -17.84
N GLU A 73 4.56 11.80 -18.64
CA GLU A 73 3.20 11.96 -19.13
C GLU A 73 2.16 11.73 -18.02
N ASP A 74 2.47 10.86 -17.05
CA ASP A 74 1.51 10.49 -16.04
C ASP A 74 2.27 10.02 -14.80
N ALA A 75 1.56 10.00 -13.66
CA ALA A 75 2.13 9.53 -12.39
C ALA A 75 1.01 9.04 -11.50
N ARG A 76 1.39 8.15 -10.57
CA ARG A 76 0.51 7.68 -9.52
C ARG A 76 1.22 7.70 -8.19
N LEU A 77 0.47 8.19 -7.20
CA LEU A 77 0.87 8.15 -5.81
C LEU A 77 0.40 6.82 -5.23
N VAL A 78 1.28 6.27 -4.39
CA VAL A 78 1.01 5.00 -3.72
C VAL A 78 1.52 5.11 -2.28
N ALA A 79 1.23 4.08 -1.50
CA ALA A 79 1.32 4.15 -0.05
C ALA A 79 2.72 4.29 0.51
N SER A 80 3.77 3.97 -0.27
CA SER A 80 5.15 4.11 0.20
C SER A 80 6.07 4.09 -1.03
N GLY A 81 7.30 4.55 -0.89
CA GLY A 81 8.36 4.29 -1.85
C GLY A 81 8.45 2.83 -2.25
N MET A 82 8.43 1.90 -1.26
CA MET A 82 8.50 0.49 -1.63
C MET A 82 7.31 0.03 -2.47
N SER A 83 6.11 0.59 -2.29
CA SER A 83 5.05 0.29 -3.19
C SER A 83 5.41 0.78 -4.60
N ALA A 84 6.02 1.95 -4.75
CA ALA A 84 6.29 2.47 -6.08
C ALA A 84 7.32 1.56 -6.77
N ILE A 85 8.34 1.17 -5.99
CA ILE A 85 9.42 0.33 -6.49
C ILE A 85 8.87 -1.07 -6.86
N SER A 86 8.19 -1.72 -5.91
CA SER A 86 7.74 -3.09 -6.08
C SER A 86 6.73 -3.21 -7.23
N LEU A 87 5.78 -2.28 -7.31
CA LEU A 87 4.78 -2.39 -8.37
C LEU A 87 5.41 -2.14 -9.75
N SER A 88 6.39 -1.22 -9.80
CA SER A 88 7.09 -0.91 -11.06
C SER A 88 7.86 -2.16 -11.54
N ILE A 89 8.52 -2.84 -10.59
CA ILE A 89 9.28 -4.03 -10.88
C ILE A 89 8.35 -5.12 -11.41
N LEU A 90 7.22 -5.34 -10.73
CA LEU A 90 6.28 -6.36 -11.13
C LEU A 90 5.72 -6.08 -12.51
N HIS A 91 5.54 -4.80 -12.85
CA HIS A 91 4.97 -4.47 -14.14
C HIS A 91 5.87 -4.92 -15.30
N PHE A 92 7.17 -4.94 -15.07
CA PHE A 92 8.14 -5.19 -16.15
C PHE A 92 8.66 -6.64 -16.15
N LEU A 93 8.33 -7.46 -15.16
CA LEU A 93 8.91 -8.79 -15.02
C LEU A 93 7.84 -9.88 -15.09
N SER A 94 8.19 -11.00 -15.72
CA SER A 94 7.44 -12.24 -15.66
C SER A 94 8.42 -13.41 -15.60
N SER A 95 7.86 -14.58 -15.32
CA SER A 95 8.54 -15.86 -15.25
C SER A 95 9.54 -15.98 -16.39
N GLY A 96 10.78 -16.35 -16.06
CA GLY A 96 11.80 -16.53 -17.09
C GLY A 96 12.66 -15.29 -17.35
N ASP A 97 12.26 -14.12 -16.87
CA ASP A 97 12.98 -12.89 -17.09
C ASP A 97 14.22 -12.77 -16.20
N HIS A 98 15.10 -11.88 -16.67
CA HIS A 98 16.29 -11.46 -15.98
C HIS A 98 16.26 -9.95 -15.75
N VAL A 99 16.92 -9.59 -14.66
CA VAL A 99 17.11 -8.20 -14.31
C VAL A 99 18.56 -7.94 -13.87
N VAL A 100 19.02 -6.74 -14.25
CA VAL A 100 20.26 -6.17 -13.79
C VAL A 100 19.88 -5.10 -12.76
N CYS A 101 20.37 -5.26 -11.53
CA CYS A 101 20.11 -4.35 -10.43
C CYS A 101 21.40 -3.82 -9.84
N VAL A 102 21.52 -2.50 -9.71
CA VAL A 102 22.71 -1.93 -9.13
C VAL A 102 22.78 -2.39 -7.68
N ASP A 103 23.98 -2.75 -7.25
CA ASP A 103 24.10 -3.39 -5.94
C ASP A 103 24.15 -2.37 -4.80
N GLU A 104 24.12 -1.08 -5.12
CA GLU A 104 23.96 -0.06 -4.10
C GLU A 104 22.54 0.51 -4.16
N ALA A 105 21.62 -0.22 -4.77
CA ALA A 105 20.22 0.17 -4.67
C ALA A 105 19.80 0.11 -3.21
N TYR A 106 18.74 0.87 -2.88
CA TYR A 106 18.15 0.83 -1.56
C TYR A 106 17.92 -0.62 -1.10
N SER A 107 18.24 -0.88 0.17
CA SER A 107 18.25 -2.25 0.68
C SER A 107 16.95 -2.98 0.36
N TRP A 108 15.80 -2.36 0.64
CA TRP A 108 14.53 -3.06 0.46
C TRP A 108 14.21 -3.33 -0.99
N ALA A 109 14.74 -2.51 -1.92
CA ALA A 109 14.62 -2.82 -3.34
C ALA A 109 15.34 -4.15 -3.67
N LYS A 110 16.57 -4.32 -3.17
CA LYS A 110 17.31 -5.57 -3.35
C LYS A 110 16.57 -6.71 -2.65
N LYS A 111 16.04 -6.49 -1.44
CA LYS A 111 15.30 -7.54 -0.75
C LYS A 111 14.11 -7.97 -1.58
N PHE A 112 13.43 -7.01 -2.25
CA PHE A 112 12.31 -7.40 -3.07
C PHE A 112 12.74 -8.22 -4.27
N PHE A 113 13.83 -7.81 -4.94
CA PHE A 113 14.34 -8.63 -6.03
C PHE A 113 14.68 -10.04 -5.55
N ASN A 114 15.32 -10.14 -4.42
CA ASN A 114 15.69 -11.46 -3.91
C ASN A 114 14.45 -12.29 -3.57
N TYR A 115 13.43 -11.64 -2.98
CA TYR A 115 12.12 -12.24 -2.74
C TYR A 115 11.54 -12.83 -4.01
N LEU A 116 11.51 -12.03 -5.07
CA LEU A 116 11.04 -12.53 -6.36
C LEU A 116 11.86 -13.69 -6.90
N SER A 117 13.16 -13.59 -6.74
CA SER A 117 14.10 -14.61 -7.24
C SER A 117 13.89 -15.94 -6.53
N LYS A 118 13.67 -15.87 -5.20
CA LYS A 118 13.40 -17.05 -4.40
C LYS A 118 12.04 -17.69 -4.73
N LYS A 119 11.01 -16.89 -5.01
CA LYS A 119 9.64 -17.36 -5.09
C LYS A 119 9.27 -17.75 -6.52
N PHE A 120 9.84 -17.03 -7.50
CA PHE A 120 9.43 -17.21 -8.89
C PHE A 120 10.67 -17.36 -9.79
N ASP A 121 10.46 -17.66 -11.07
CA ASP A 121 11.59 -17.81 -11.99
C ASP A 121 12.06 -16.44 -12.50
N ILE A 122 12.65 -15.70 -11.59
CA ILE A 122 13.21 -14.40 -11.93
C ILE A 122 14.69 -14.46 -11.59
N GLU A 123 15.57 -14.11 -12.53
CA GLU A 123 16.99 -14.11 -12.19
C GLU A 123 17.51 -12.68 -12.10
N VAL A 124 18.37 -12.43 -11.14
CA VAL A 124 18.88 -11.10 -10.87
C VAL A 124 20.39 -11.12 -10.84
N SER A 125 21.00 -10.20 -11.61
CA SER A 125 22.41 -9.93 -11.51
C SER A 125 22.61 -8.59 -10.81
N TYR A 126 23.38 -8.60 -9.72
CA TYR A 126 23.75 -7.43 -8.97
C TYR A 126 25.10 -6.91 -9.43
N VAL A 127 25.18 -5.61 -9.73
CA VAL A 127 26.36 -5.05 -10.31
C VAL A 127 26.70 -3.75 -9.61
N PRO A 128 27.98 -3.37 -9.60
CA PRO A 128 28.40 -2.08 -9.10
C PRO A 128 27.74 -0.96 -9.89
N PRO A 129 27.68 0.26 -9.31
CA PRO A 129 27.03 1.40 -9.97
C PRO A 129 27.97 2.01 -10.99
N ASP A 130 28.15 1.26 -12.07
CA ASP A 130 29.07 1.61 -13.14
C ASP A 130 28.38 1.20 -14.44
N ALA A 131 28.18 2.17 -15.31
CA ALA A 131 27.37 1.97 -16.50
C ALA A 131 27.89 0.78 -17.30
N GLU A 132 29.23 0.66 -17.38
CA GLU A 132 29.80 -0.43 -18.15
C GLU A 132 29.48 -1.79 -17.55
N ARG A 133 29.64 -1.94 -16.22
CA ARG A 133 29.30 -3.18 -15.54
C ARG A 133 27.81 -3.52 -15.71
N ILE A 134 26.94 -2.50 -15.67
CA ILE A 134 25.49 -2.68 -15.87
C ILE A 134 25.20 -3.26 -17.25
N VAL A 135 25.78 -2.66 -18.27
CA VAL A 135 25.48 -3.07 -19.65
C VAL A 135 26.09 -4.44 -19.90
N GLU A 136 27.25 -4.70 -19.29
CA GLU A 136 27.90 -6.00 -19.47
C GLU A 136 27.08 -7.15 -18.91
N ALA A 137 26.22 -6.90 -17.90
CA ALA A 137 25.45 -7.95 -17.26
C ALA A 137 24.15 -8.24 -18.02
N ILE A 138 23.88 -7.45 -19.08
CA ILE A 138 22.69 -7.71 -19.89
C ILE A 138 22.81 -9.10 -20.48
N THR A 139 21.68 -9.83 -20.50
CA THR A 139 21.57 -11.11 -21.18
C THR A 139 20.41 -11.06 -22.18
N LYS A 140 20.25 -12.15 -22.95
CA LYS A 140 19.15 -12.19 -23.90
C LYS A 140 17.80 -12.24 -23.17
N LYS A 141 17.80 -12.57 -21.89
CA LYS A 141 16.55 -12.60 -21.15
C LYS A 141 16.31 -11.35 -20.30
N THR A 142 17.23 -10.38 -20.32
CA THR A 142 17.07 -9.16 -19.53
C THR A 142 15.88 -8.36 -20.01
N LYS A 143 14.97 -8.09 -19.10
CA LYS A 143 13.79 -7.28 -19.40
C LYS A 143 13.81 -6.00 -18.57
N LEU A 144 14.63 -5.91 -17.51
CA LEU A 144 14.63 -4.72 -16.69
C LEU A 144 16.02 -4.42 -16.22
N ILE A 145 16.36 -3.12 -16.23
CA ILE A 145 17.56 -2.62 -15.56
C ILE A 145 17.09 -1.64 -14.50
N TYR A 146 17.55 -1.86 -13.27
CA TYR A 146 17.10 -1.11 -12.11
C TYR A 146 18.24 -0.25 -11.62
N LEU A 147 18.00 1.05 -11.65
CA LEU A 147 19.03 2.05 -11.36
C LEU A 147 18.64 2.90 -10.15
N GLU A 148 19.65 3.54 -9.58
CA GLU A 148 19.53 4.52 -8.52
C GLU A 148 20.77 5.40 -8.60
N SER A 149 20.61 6.73 -8.70
CA SER A 149 21.78 7.58 -8.88
C SER A 149 21.45 8.96 -8.36
N PRO A 150 22.15 9.48 -7.35
CA PRO A 150 23.20 8.78 -6.59
C PRO A 150 22.63 7.58 -5.86
N THR A 151 23.50 6.61 -5.56
CA THR A 151 23.11 5.38 -4.91
C THR A 151 22.88 5.56 -3.41
N SER A 152 22.21 4.57 -2.81
CA SER A 152 22.03 4.50 -1.35
C SER A 152 23.37 4.31 -0.66
N MET A 153 23.53 5.06 0.42
CA MET A 153 24.62 4.97 1.37
C MET A 153 25.92 5.57 0.84
N ARG A 154 26.35 5.17 -0.37
CA ARG A 154 27.63 5.61 -0.89
C ARG A 154 27.51 6.79 -1.87
N MET A 155 26.28 7.14 -2.32
CA MET A 155 26.08 8.33 -3.10
C MET A 155 26.91 8.29 -4.41
N LYS A 156 26.94 7.13 -5.03
CA LYS A 156 27.67 6.95 -6.28
C LYS A 156 26.74 7.37 -7.42
N VAL A 157 27.32 8.09 -8.40
CA VAL A 157 26.57 8.45 -9.61
C VAL A 157 26.87 7.49 -10.75
N ILE A 158 25.85 7.19 -11.54
CA ILE A 158 25.90 6.35 -12.70
C ILE A 158 25.68 7.18 -13.95
N ASP A 159 26.43 6.85 -15.03
CA ASP A 159 26.17 7.46 -16.33
C ASP A 159 24.88 6.93 -16.89
N ILE A 160 23.77 7.64 -16.57
CA ILE A 160 22.46 7.11 -16.93
C ILE A 160 22.28 7.03 -18.45
N ARG A 161 22.71 8.05 -19.18
CA ARG A 161 22.52 8.01 -20.64
C ARG A 161 23.22 6.83 -21.30
N LYS A 162 24.39 6.43 -20.78
CA LYS A 162 25.08 5.27 -21.33
C LYS A 162 24.23 4.01 -21.14
N VAL A 163 23.57 3.88 -19.97
CA VAL A 163 22.70 2.74 -19.74
C VAL A 163 21.46 2.78 -20.62
N THR A 164 20.80 3.95 -20.72
CA THR A 164 19.53 3.97 -21.43
C THR A 164 19.78 3.83 -22.94
N GLU A 165 20.92 4.28 -23.43
CA GLU A 165 21.26 4.10 -24.85
C GLU A 165 21.29 2.61 -25.18
N ALA A 166 22.00 1.83 -24.36
CA ALA A 166 22.06 0.40 -24.50
C ALA A 166 20.69 -0.27 -24.37
N ALA A 167 19.94 0.04 -23.29
CA ALA A 167 18.65 -0.54 -23.04
C ALA A 167 17.71 -0.29 -24.23
N GLY A 168 17.65 0.95 -24.69
CA GLY A 168 16.73 1.34 -25.73
C GLY A 168 17.01 0.57 -27.03
N GLU A 169 18.29 0.38 -27.36
CA GLU A 169 18.68 -0.45 -28.49
C GLU A 169 18.14 -1.87 -28.36
N LEU A 170 18.06 -2.41 -27.14
CA LEU A 170 17.68 -3.80 -26.95
C LEU A 170 16.24 -3.98 -26.45
N LYS A 171 15.49 -2.89 -26.39
CA LYS A 171 14.10 -2.95 -25.93
C LYS A 171 14.04 -3.46 -24.48
N ILE A 172 15.02 -3.07 -23.66
CA ILE A 172 15.02 -3.39 -22.25
C ILE A 172 14.50 -2.15 -21.53
N LYS A 173 13.61 -2.36 -20.57
CA LYS A 173 13.03 -1.26 -19.81
C LYS A 173 13.92 -0.89 -18.65
N THR A 174 13.88 0.39 -18.28
CA THR A 174 14.66 0.92 -17.19
C THR A 174 13.71 1.54 -16.16
N VAL A 175 14.06 1.33 -14.88
CA VAL A 175 13.46 2.04 -13.76
C VAL A 175 14.58 2.69 -12.98
N ILE A 176 14.36 3.92 -12.54
CA ILE A 176 15.31 4.61 -11.67
C ILE A 176 14.56 5.18 -10.45
N ASP A 177 15.20 5.02 -9.31
CA ASP A 177 14.86 5.66 -8.06
C ASP A 177 15.58 6.99 -7.95
N ASN A 178 14.80 8.08 -8.05
CA ASN A 178 15.31 9.44 -8.07
C ASN A 178 15.03 10.18 -6.74
N THR A 179 14.88 9.43 -5.64
CA THR A 179 14.53 10.04 -4.35
C THR A 179 15.58 11.07 -3.93
N TRP A 180 16.90 10.71 -4.04
CA TRP A 180 18.00 11.51 -3.53
C TRP A 180 17.99 12.95 -4.05
N ALA A 181 17.81 13.13 -5.38
CA ALA A 181 17.92 14.44 -5.96
C ALA A 181 16.62 15.25 -5.82
N SER A 182 15.51 14.50 -5.83
CA SER A 182 14.17 15.07 -6.04
C SER A 182 14.04 15.51 -7.49
N PRO A 183 12.80 15.75 -7.98
CA PRO A 183 12.63 16.27 -9.33
C PRO A 183 13.22 17.65 -9.57
N ILE A 184 13.54 18.38 -8.53
CA ILE A 184 14.16 19.70 -8.70
C ILE A 184 15.53 19.56 -9.36
N PHE A 185 16.31 18.57 -8.94
CA PHE A 185 17.72 18.51 -9.31
C PHE A 185 18.07 17.48 -10.37
N GLN A 186 17.20 16.53 -10.64
CA GLN A 186 17.44 15.53 -11.65
C GLN A 186 16.10 15.06 -12.21
N LYS A 187 16.05 14.92 -13.52
CA LYS A 187 14.82 14.51 -14.19
C LYS A 187 15.18 13.38 -15.14
N PRO A 188 15.34 12.13 -14.64
CA PRO A 188 15.89 11.05 -15.44
C PRO A 188 15.11 10.63 -16.66
N LYS A 189 13.82 11.00 -16.74
CA LYS A 189 13.08 10.80 -17.96
C LYS A 189 13.82 11.44 -19.14
N LEU A 190 14.42 12.60 -18.90
CA LEU A 190 15.13 13.34 -19.95
C LEU A 190 16.46 12.66 -20.29
N LEU A 191 16.93 11.76 -19.42
CA LEU A 191 18.11 10.94 -19.63
C LEU A 191 17.78 9.59 -20.23
N GLY A 192 16.53 9.38 -20.65
CA GLY A 192 16.09 8.16 -21.32
C GLY A 192 15.52 7.04 -20.45
N VAL A 193 15.30 7.26 -19.13
CA VAL A 193 14.74 6.18 -18.31
C VAL A 193 13.26 6.04 -18.59
N ASP A 194 12.74 4.82 -18.54
CA ASP A 194 11.33 4.60 -18.82
C ASP A 194 10.44 5.06 -17.65
N VAL A 195 10.76 4.63 -16.42
CA VAL A 195 9.89 4.83 -15.29
C VAL A 195 10.73 5.38 -14.15
N VAL A 196 10.24 6.43 -13.50
CA VAL A 196 10.95 7.12 -12.44
C VAL A 196 10.14 6.87 -11.16
N VAL A 197 10.81 6.46 -10.11
CA VAL A 197 10.12 6.29 -8.84
C VAL A 197 10.76 7.16 -7.78
N HIS A 198 9.95 7.56 -6.79
CA HIS A 198 10.40 8.24 -5.60
C HIS A 198 9.73 7.66 -4.36
N SER A 199 10.50 7.69 -3.26
CA SER A 199 9.94 7.73 -1.92
C SER A 199 9.60 9.18 -1.59
N ALA A 200 8.31 9.57 -1.78
CA ALA A 200 7.89 10.90 -1.43
C ALA A 200 7.89 11.10 0.10
N THR A 201 8.02 10.00 0.85
CA THR A 201 8.36 10.04 2.27
C THR A 201 9.45 11.01 2.57
N TYR A 203 12.02 13.90 0.36
CA TYR A 203 12.00 15.35 0.05
C TYR A 203 10.64 15.84 -0.44
N ILE A 204 9.90 15.04 -1.19
CA ILE A 204 8.72 15.57 -1.87
C ILE A 204 7.66 16.02 -0.84
N SER A 205 7.36 15.19 0.18
CA SER A 205 6.57 15.61 1.35
C SER A 205 7.38 16.59 2.18
N GLY A 206 8.60 16.16 2.54
CA GLY A 206 9.61 17.03 3.13
C GLY A 206 9.46 17.36 4.62
N HIS A 207 8.56 16.70 5.34
CA HIS A 207 8.28 17.06 6.72
C HIS A 207 8.26 15.85 7.65
N GLY A 208 8.83 14.72 7.23
CA GLY A 208 9.06 13.59 8.14
C GLY A 208 7.79 13.05 8.78
N ASP A 209 6.70 12.99 8.00
CA ASP A 209 5.42 12.58 8.53
C ASP A 209 4.70 11.62 7.58
N VAL A 210 4.36 12.10 6.38
CA VAL A 210 3.72 11.25 5.40
C VAL A 210 4.69 10.18 4.92
N MET A 211 4.13 9.01 4.63
CA MET A 211 4.82 7.98 3.88
C MET A 211 4.09 7.86 2.55
N ALA A 212 4.84 7.81 1.46
CA ALA A 212 4.22 7.76 0.14
C ALA A 212 5.28 7.44 -0.92
N GLY A 213 4.83 6.87 -2.03
CA GLY A 213 5.66 6.64 -3.18
C GLY A 213 5.05 7.27 -4.42
N VAL A 214 5.90 7.49 -5.42
CA VAL A 214 5.46 8.03 -6.70
C VAL A 214 6.02 7.14 -7.81
N ILE A 215 5.19 6.80 -8.79
CA ILE A 215 5.58 6.13 -9.99
C ILE A 215 5.22 7.08 -11.13
N ALA A 216 6.19 7.35 -12.01
CA ALA A 216 5.95 8.28 -13.11
C ALA A 216 6.54 7.72 -14.41
N GLY A 217 5.87 8.02 -15.52
CA GLY A 217 6.35 7.50 -16.79
C GLY A 217 5.37 7.83 -17.92
N ASP A 218 5.54 7.12 -19.03
CA ASP A 218 4.73 7.33 -20.22
C ASP A 218 3.29 6.86 -20.01
N VAL A 219 2.39 7.27 -20.92
CA VAL A 219 0.99 6.94 -20.78
C VAL A 219 0.81 5.43 -20.77
N GLU A 220 1.43 4.72 -21.72
CA GLU A 220 1.19 3.29 -21.87
C GLU A 220 1.56 2.55 -20.56
N ASP A 221 2.78 2.78 -20.12
CA ASP A 221 3.22 2.08 -18.91
C ASP A 221 2.28 2.42 -17.74
N MET A 222 2.05 3.70 -17.49
CA MET A 222 1.31 4.13 -16.31
C MET A 222 -0.13 3.66 -16.37
N LYS A 223 -0.76 3.60 -17.54
CA LYS A 223 -2.12 3.11 -17.64
C LYS A 223 -2.15 1.64 -17.21
N ASN A 224 -1.14 0.86 -17.58
CA ASN A 224 -1.12 -0.56 -17.23
C ASN A 224 -0.75 -0.79 -15.76
N ILE A 225 0.19 0.00 -15.23
CA ILE A 225 0.51 -0.09 -13.81
C ILE A 225 -0.76 0.19 -13.00
N PHE A 226 -1.57 1.14 -13.44
CA PHE A 226 -2.77 1.54 -12.72
C PHE A 226 -3.80 0.39 -12.73
N VAL A 227 -4.17 -0.09 -13.93
CA VAL A 227 -5.24 -1.05 -14.05
C VAL A 227 -4.81 -2.45 -13.59
N ASP A 228 -3.50 -2.79 -13.62
CA ASP A 228 -3.04 -4.10 -13.22
C ASP A 228 -2.53 -4.06 -11.77
N GLU A 229 -1.32 -3.60 -11.56
CA GLU A 229 -0.69 -3.69 -10.24
C GLU A 229 -1.44 -2.84 -9.21
N TYR A 230 -1.73 -1.57 -9.52
CA TYR A 230 -2.30 -0.73 -8.48
C TYR A 230 -3.67 -1.23 -8.03
N LYS A 231 -4.57 -1.56 -8.96
CA LYS A 231 -5.89 -2.02 -8.57
C LYS A 231 -5.87 -3.42 -7.95
N ASN A 232 -4.90 -4.26 -8.34
CA ASN A 232 -4.84 -5.62 -7.82
C ASN A 232 -4.20 -5.67 -6.43
N ILE A 233 -3.16 -4.91 -6.19
CA ILE A 233 -2.41 -4.97 -4.94
C ILE A 233 -2.84 -3.84 -4.00
N GLY A 234 -3.33 -2.72 -4.55
CA GLY A 234 -4.10 -1.74 -3.80
C GLY A 234 -3.26 -0.92 -2.79
N PRO A 235 -2.00 -0.49 -3.05
CA PRO A 235 -1.27 0.34 -2.09
C PRO A 235 -1.75 1.79 -2.19
N VAL A 236 -3.02 2.03 -1.80
CA VAL A 236 -3.66 3.34 -1.99
C VAL A 236 -3.14 4.31 -0.93
N LEU A 237 -2.80 5.52 -1.38
CA LEU A 237 -2.46 6.59 -0.48
C LEU A 237 -3.71 7.25 0.06
N SER A 238 -3.73 7.57 1.37
CA SER A 238 -4.85 8.35 1.91
C SER A 238 -4.92 9.69 1.18
N PRO A 239 -6.10 10.14 0.68
CA PRO A 239 -6.24 11.53 0.22
C PRO A 239 -5.79 12.58 1.23
N ILE A 240 -5.90 12.28 2.54
CA ILE A 240 -5.42 13.20 3.53
C ILE A 240 -3.92 13.41 3.39
N GLU A 241 -3.18 12.30 3.23
CA GLU A 241 -1.75 12.39 2.97
C GLU A 241 -1.41 13.01 1.60
N ALA A 242 -2.23 12.77 0.58
CA ALA A 242 -2.03 13.43 -0.70
C ALA A 242 -2.05 14.95 -0.52
N TRP A 243 -3.03 15.39 0.31
CA TRP A 243 -3.18 16.82 0.58
C TRP A 243 -1.99 17.36 1.33
N LEU A 244 -1.42 16.55 2.22
CA LEU A 244 -0.27 17.00 2.95
C LEU A 244 0.96 17.04 2.00
N ILE A 245 1.00 16.15 1.00
CA ILE A 245 2.06 16.22 0.00
C ILE A 245 1.92 17.50 -0.81
N LEU A 246 0.70 17.80 -1.24
CA LEU A 246 0.43 19.08 -1.92
C LEU A 246 0.94 20.26 -1.09
N ARG A 247 0.68 20.24 0.23
CA ARG A 247 1.08 21.31 1.07
C ARG A 247 2.60 21.40 1.13
N GLY A 248 3.25 20.24 1.28
CA GLY A 248 4.70 20.19 1.31
C GLY A 248 5.39 20.60 0.00
N LEU A 249 4.74 20.30 -1.12
CA LEU A 249 5.25 20.61 -2.44
C LEU A 249 5.46 22.11 -2.61
N ARG A 250 4.62 22.95 -2.00
CA ARG A 250 4.68 24.38 -2.22
C ARG A 250 6.08 24.90 -1.89
N THR A 251 6.78 24.29 -0.92
CA THR A 251 8.10 24.78 -0.56
C THR A 251 9.23 23.91 -1.14
N LEU A 252 8.91 22.98 -2.04
CA LEU A 252 9.91 22.05 -2.52
C LEU A 252 11.12 22.76 -3.12
N GLU A 253 10.96 23.74 -4.01
CA GLU A 253 12.10 24.42 -4.58
C GLU A 253 12.90 25.15 -3.50
N LEU A 254 12.23 25.85 -2.59
CA LEU A 254 12.91 26.60 -1.52
C LEU A 254 13.74 25.67 -0.64
N ARG A 255 13.15 24.51 -0.31
CA ARG A 255 13.80 23.56 0.58
C ARG A 255 14.99 22.93 -0.14
N MET A 256 14.83 22.51 -1.39
CA MET A 256 15.91 21.86 -2.11
C MET A 256 17.11 22.79 -2.26
N LYS A 257 16.86 24.08 -2.55
CA LYS A 257 17.93 25.04 -2.72
C LYS A 257 18.69 25.22 -1.41
N LYS A 258 17.94 25.28 -0.31
CA LYS A 258 18.55 25.44 1.00
C LYS A 258 19.35 24.20 1.39
N HIS A 259 18.81 23.00 1.14
CA HIS A 259 19.59 21.81 1.45
C HIS A 259 20.94 21.84 0.69
N TYR A 260 20.88 22.21 -0.59
CA TYR A 260 22.08 22.23 -1.43
C TYR A 260 23.10 23.22 -0.88
N GLU A 261 22.67 24.43 -0.53
CA GLU A 261 23.55 25.45 0.00
C GLU A 261 24.24 24.91 1.27
N ASN A 262 23.44 24.32 2.14
CA ASN A 262 23.91 23.79 3.42
C ASN A 262 24.87 22.60 3.24
N ALA A 263 24.53 21.72 2.31
CA ALA A 263 25.32 20.53 2.03
C ALA A 263 26.68 20.92 1.46
N LEU A 264 26.74 22.01 0.69
CA LEU A 264 28.05 22.48 0.18
C LEU A 264 28.94 22.86 1.35
N VAL A 265 28.35 23.53 2.36
CA VAL A 265 29.13 24.02 3.47
C VAL A 265 29.62 22.81 4.27
N VAL A 266 28.71 21.88 4.56
CA VAL A 266 29.09 20.73 5.37
C VAL A 266 30.09 19.81 4.65
N SER A 267 29.84 19.51 3.36
CA SER A 267 30.73 18.65 2.60
C SER A 267 32.12 19.29 2.44
N ASP A 268 32.22 20.62 2.29
CA ASP A 268 33.50 21.28 2.20
C ASP A 268 34.28 21.12 3.50
N PHE A 269 33.58 21.20 4.63
CA PHE A 269 34.20 21.09 5.93
C PHE A 269 34.77 19.67 6.08
N LEU A 270 33.96 18.68 5.70
CA LEU A 270 34.35 17.29 5.90
C LEU A 270 35.52 16.96 4.98
N MET A 271 35.47 17.47 3.74
CA MET A 271 36.53 17.17 2.79
C MET A 271 37.89 17.64 3.32
N ASP A 272 37.92 18.75 4.06
CA ASP A 272 39.18 19.37 4.47
C ASP A 272 39.59 18.94 5.87
N HIS A 273 38.80 18.07 6.50
CA HIS A 273 39.14 17.69 7.86
C HIS A 273 40.13 16.52 7.85
N PRO A 274 41.22 16.62 8.65
CA PRO A 274 42.22 15.54 8.70
C PRO A 274 41.75 14.15 9.08
N LYS A 275 40.68 14.04 9.89
CA LYS A 275 40.23 12.76 10.39
C LYS A 275 39.15 12.12 9.52
N VAL A 276 38.77 12.81 8.44
CA VAL A 276 37.82 12.22 7.54
C VAL A 276 38.59 11.65 6.34
N LEU A 277 38.36 10.39 6.05
CA LEU A 277 39.02 9.72 4.93
C LEU A 277 38.53 10.26 3.59
N GLU A 278 37.21 10.29 3.44
CA GLU A 278 36.63 10.74 2.18
C GLU A 278 35.16 11.10 2.43
N VAL A 279 34.64 11.87 1.48
CA VAL A 279 33.28 12.39 1.53
C VAL A 279 32.58 12.00 0.23
N ASN A 280 31.37 11.47 0.34
CA ASN A 280 30.52 11.10 -0.77
C ASN A 280 29.39 12.14 -0.88
N TYR A 281 29.67 13.15 -1.69
CA TYR A 281 28.68 14.15 -1.99
C TYR A 281 28.96 14.63 -3.40
N PRO A 282 28.30 14.03 -4.40
CA PRO A 282 28.73 14.19 -5.78
C PRO A 282 28.50 15.56 -6.41
N MET A 283 27.75 16.45 -5.75
CA MET A 283 27.53 17.77 -6.30
C MET A 283 28.34 18.84 -5.59
N ASN A 284 29.37 18.45 -4.81
CA ASN A 284 30.39 19.39 -4.39
C ASN A 284 31.36 19.52 -5.55
N PRO A 285 31.69 20.74 -6.05
CA PRO A 285 32.56 20.84 -7.22
C PRO A 285 33.94 20.17 -7.09
N ARG A 286 34.37 19.84 -5.87
CA ARG A 286 35.65 19.17 -5.69
C ARG A 286 35.51 17.66 -5.65
N SER A 287 34.28 17.13 -5.73
CA SER A 287 34.07 15.71 -5.79
C SER A 287 34.65 15.12 -7.08
N PRO A 288 35.18 13.88 -6.99
CA PRO A 288 35.68 13.17 -8.17
C PRO A 288 34.60 12.86 -9.17
N GLN A 289 33.35 12.86 -8.68
CA GLN A 289 32.20 12.51 -9.50
C GLN A 289 31.54 13.75 -10.10
N TYR A 290 32.10 14.93 -9.84
CA TYR A 290 31.35 16.18 -10.09
C TYR A 290 31.06 16.35 -11.57
N GLU A 291 32.02 16.00 -12.41
CA GLU A 291 31.80 16.24 -13.84
C GLU A 291 30.63 15.41 -14.37
N LEU A 292 30.58 14.12 -14.03
CA LEU A 292 29.48 13.28 -14.45
C LEU A 292 28.19 13.73 -13.75
N ALA A 293 28.26 13.95 -12.45
CA ALA A 293 27.09 14.35 -11.67
C ALA A 293 26.45 15.61 -12.26
N SER A 294 27.26 16.65 -12.47
CA SER A 294 26.74 17.94 -12.89
C SER A 294 26.29 17.87 -14.37
N SER A 295 26.62 16.83 -15.13
CA SER A 295 26.01 16.62 -16.45
C SER A 295 24.58 16.11 -16.40
N GLN A 296 24.15 15.61 -15.23
CA GLN A 296 22.86 14.98 -15.10
C GLN A 296 22.00 15.68 -14.07
N MET A 297 22.61 16.49 -13.20
CA MET A 297 21.91 17.06 -12.06
C MET A 297 22.17 18.54 -12.01
N SER A 298 21.18 19.35 -11.60
CA SER A 298 21.34 20.80 -11.51
C SER A 298 21.66 21.24 -10.09
N GLY A 299 21.66 20.29 -9.16
CA GLY A 299 22.00 20.57 -7.76
C GLY A 299 22.11 19.24 -7.00
N GLY A 300 22.37 19.34 -5.71
CA GLY A 300 22.38 18.16 -4.86
C GLY A 300 21.56 18.42 -3.60
N SER A 301 21.17 17.35 -2.94
CA SER A 301 20.30 17.43 -1.78
C SER A 301 21.10 17.51 -0.49
N GLY A 302 20.46 17.21 0.64
CA GLY A 302 21.13 17.27 1.93
C GLY A 302 21.79 15.95 2.34
N LEU A 303 21.62 14.87 1.56
CA LEU A 303 22.03 13.56 1.99
C LEU A 303 23.47 13.31 1.52
N MET A 304 24.35 12.93 2.44
CA MET A 304 25.72 12.60 2.02
C MET A 304 26.27 11.55 2.98
N SER A 305 27.45 11.00 2.66
CA SER A 305 28.09 10.13 3.63
C SER A 305 29.58 10.44 3.60
N PHE A 306 30.27 9.93 4.60
CA PHE A 306 31.71 10.10 4.67
C PHE A 306 32.27 8.93 5.49
N ARG A 307 33.58 8.69 5.35
CA ARG A 307 34.21 7.62 6.10
C ARG A 307 35.21 8.21 7.09
N LEU A 308 35.26 7.57 8.26
CA LEU A 308 36.29 7.80 9.22
C LEU A 308 37.53 6.98 8.84
N LYS A 309 38.68 7.43 9.31
CA LYS A 309 39.91 6.67 9.13
C LYS A 309 40.03 5.61 10.21
N THR A 310 39.33 4.50 10.02
CA THR A 310 39.28 3.44 11.02
C THR A 310 38.64 2.20 10.40
N ASP A 311 38.93 1.04 11.00
CA ASP A 311 38.26 -0.21 10.71
C ASP A 311 37.55 -0.72 11.97
N SER A 312 37.36 0.16 12.95
CA SER A 312 36.76 -0.19 14.23
C SER A 312 35.33 0.36 14.39
N ALA A 313 34.38 -0.57 14.45
CA ALA A 313 32.98 -0.29 14.74
C ALA A 313 32.85 0.52 16.01
N GLU A 314 33.70 0.21 17.03
CA GLU A 314 33.62 0.88 18.31
C GLU A 314 34.00 2.35 18.20
N LYS A 315 34.97 2.67 17.33
CA LYS A 315 35.35 4.05 17.10
C LYS A 315 34.22 4.79 16.37
N VAL A 316 33.51 4.09 15.50
CA VAL A 316 32.39 4.72 14.82
C VAL A 316 31.27 4.99 15.83
N LYS A 317 31.04 4.05 16.75
CA LYS A 317 30.08 4.27 17.82
C LYS A 317 30.46 5.48 18.66
N GLU A 318 31.74 5.56 19.07
CA GLU A 318 32.24 6.69 19.84
C GLU A 318 31.89 8.00 19.15
N PHE A 319 32.23 8.09 17.86
CA PHE A 319 31.95 9.29 17.10
C PHE A 319 30.46 9.63 17.09
N VAL A 320 29.62 8.66 16.75
CA VAL A 320 28.21 8.96 16.54
C VAL A 320 27.52 9.34 17.86
N GLU A 321 27.91 8.66 18.95
CA GLU A 321 27.37 8.97 20.27
C GLU A 321 27.88 10.31 20.83
N SER A 322 28.92 10.90 20.22
CA SER A 322 29.47 12.20 20.61
C SER A 322 28.69 13.35 19.98
N LEU A 323 27.93 13.07 18.90
CA LEU A 323 27.20 14.13 18.22
C LEU A 323 26.06 14.60 19.13
N ARG A 324 25.81 15.90 19.13
CA ARG A 324 24.78 16.49 19.97
C ARG A 324 23.71 17.18 19.14
N VAL A 325 23.95 17.42 17.86
CA VAL A 325 22.97 18.13 17.06
C VAL A 325 22.28 17.15 16.11
N PHE A 326 23.08 16.43 15.32
CA PHE A 326 22.54 15.37 14.50
C PHE A 326 21.88 14.36 15.42
N ARG A 327 20.73 13.85 14.99
CA ARG A 327 19.98 12.86 15.74
C ARG A 327 20.10 11.51 15.06
N MET A 328 20.27 10.43 15.87
CA MET A 328 20.29 9.09 15.35
C MET A 328 18.87 8.66 14.99
N ALA A 329 18.67 8.47 13.68
CA ALA A 329 17.39 8.06 13.13
C ALA A 329 17.60 7.66 11.68
N VAL A 330 16.70 6.79 11.20
CA VAL A 330 16.62 6.53 9.78
C VAL A 330 15.67 7.57 9.14
N SER A 331 15.50 7.40 7.84
CA SER A 331 14.81 8.34 6.96
C SER A 331 15.63 9.62 6.82
N TRP A 332 15.08 10.56 6.03
CA TRP A 332 15.75 11.78 5.64
C TRP A 332 14.79 12.54 4.72
N GLY A 333 15.13 13.79 4.42
CA GLY A 333 14.40 14.60 3.46
C GLY A 333 13.63 15.78 4.05
N SER A 334 13.75 16.02 5.37
CA SER A 334 13.03 17.07 6.05
C SER A 334 14.02 18.10 6.59
N HIS A 335 13.55 18.96 7.51
CA HIS A 335 14.39 19.86 8.29
C HIS A 335 15.29 19.10 9.27
N GLU A 336 15.03 17.81 9.48
CA GLU A 336 15.76 17.10 10.54
C GLU A 336 17.19 16.86 10.08
N ASN A 337 18.13 17.06 11.01
CA ASN A 337 19.53 16.73 10.82
C ASN A 337 19.78 15.35 11.45
N LEU A 338 20.04 14.34 10.60
CA LEU A 338 20.02 12.95 11.00
C LEU A 338 21.36 12.28 10.71
N VAL A 339 21.68 11.27 11.54
CA VAL A 339 22.87 10.47 11.33
C VAL A 339 22.51 8.99 11.48
N VAL A 340 23.12 8.15 10.63
CA VAL A 340 23.09 6.73 10.84
C VAL A 340 24.44 6.21 10.37
N PRO A 341 25.18 5.49 11.24
CA PRO A 341 26.37 4.78 10.78
C PRO A 341 25.93 3.48 10.13
N ARG A 342 26.51 3.15 8.96
CA ARG A 342 26.07 1.98 8.28
C ARG A 342 26.31 0.73 9.13
N VAL A 343 27.29 0.75 10.01
CA VAL A 343 27.59 -0.46 10.77
C VAL A 343 26.46 -0.80 11.76
N ALA A 344 25.52 0.11 11.97
CA ALA A 344 24.34 -0.18 12.78
C ALA A 344 23.48 -1.26 12.12
N TYR A 345 23.55 -1.36 10.79
CA TYR A 345 22.74 -2.34 10.10
C TYR A 345 23.35 -3.73 10.23
N GLY A 346 22.49 -4.75 10.33
CA GLY A 346 22.96 -6.12 10.43
C GLY A 346 23.70 -6.57 9.17
N ASP A 347 23.22 -6.13 8.01
CA ASP A 347 23.77 -6.55 6.73
C ASP A 347 24.81 -5.54 6.20
N CYS A 348 25.41 -4.72 7.06
CA CYS A 348 26.42 -3.76 6.61
C CYS A 348 27.60 -4.50 5.97
N PRO A 349 28.07 -4.17 4.75
CA PRO A 349 29.28 -4.81 4.23
C PRO A 349 30.42 -4.54 5.18
N LYS A 350 31.39 -5.48 5.28
CA LYS A 350 32.60 -5.24 6.05
C LYS A 350 33.31 -3.95 5.64
N LYS A 351 33.39 -3.64 4.32
CA LYS A 351 34.07 -2.45 3.84
C LYS A 351 33.47 -1.16 4.41
N ASP A 352 32.18 -1.20 4.83
CA ASP A 352 31.45 -0.01 5.19
C ASP A 352 31.34 0.15 6.70
N VAL A 353 32.18 -0.56 7.46
CA VAL A 353 32.25 -0.33 8.89
C VAL A 353 32.50 1.13 9.24
N ASN A 354 33.30 1.84 8.43
CA ASN A 354 33.64 3.22 8.69
C ASN A 354 32.72 4.25 8.02
N LEU A 355 31.60 3.83 7.41
CA LEU A 355 30.80 4.73 6.59
C LEU A 355 29.65 5.34 7.42
N ILE A 356 29.53 6.65 7.40
CA ILE A 356 28.50 7.35 8.18
C ILE A 356 27.67 8.20 7.22
N ARG A 357 26.34 8.07 7.33
CA ARG A 357 25.44 8.83 6.47
C ARG A 357 24.83 9.93 7.33
N ILE A 358 24.87 11.17 6.82
CA ILE A 358 24.26 12.28 7.50
C ILE A 358 23.27 12.93 6.53
N HIS A 359 22.22 13.50 7.12
CA HIS A 359 21.29 14.33 6.36
C HIS A 359 21.34 15.75 6.92
N VAL A 360 21.67 16.69 6.02
CA VAL A 360 21.81 18.10 6.32
C VAL A 360 20.45 18.79 6.03
N GLY A 361 19.87 19.37 7.07
CA GLY A 361 18.55 19.97 7.02
C GLY A 361 18.58 21.44 6.57
N LEU A 362 17.64 22.23 7.11
CA LEU A 362 17.28 23.52 6.54
C LEU A 362 17.79 24.68 7.39
N GLY A 363 18.61 24.39 8.39
CA GLY A 363 19.07 25.41 9.32
C GLY A 363 20.45 25.98 8.98
N ASP A 364 21.15 26.38 10.04
CA ASP A 364 22.44 27.01 9.91
C ASP A 364 23.49 25.93 9.81
N PRO A 365 24.17 25.81 8.66
CA PRO A 365 25.10 24.69 8.47
C PRO A 365 26.27 24.80 9.43
N GLU A 366 26.59 26.00 9.93
CA GLU A 366 27.69 26.09 10.88
C GLU A 366 27.45 25.32 12.17
N LYS A 367 26.18 25.23 12.63
CA LYS A 367 25.88 24.40 13.79
C LYS A 367 26.26 22.95 13.53
N LEU A 368 26.03 22.47 12.30
CA LEU A 368 26.34 21.09 11.92
C LEU A 368 27.86 20.88 11.83
N VAL A 369 28.55 21.87 11.22
CA VAL A 369 30.00 21.88 11.18
C VAL A 369 30.56 21.77 12.60
N GLU A 370 30.08 22.62 13.53
CA GLU A 370 30.64 22.61 14.88
C GLU A 370 30.39 21.26 15.53
N ASP A 371 29.19 20.68 15.31
CA ASP A 371 28.88 19.40 15.94
C ASP A 371 29.82 18.31 15.43
N LEU A 372 30.00 18.25 14.12
CA LEU A 372 30.89 17.26 13.54
C LEU A 372 32.32 17.48 14.06
N ASP A 373 32.73 18.75 14.10
CA ASP A 373 34.06 19.13 14.52
C ASP A 373 34.34 18.71 15.95
N GLN A 374 33.41 18.94 16.88
CA GLN A 374 33.68 18.61 18.27
C GLN A 374 33.69 17.08 18.42
N ALA A 375 32.88 16.37 17.63
CA ALA A 375 32.89 14.91 17.70
C ALA A 375 34.20 14.35 17.13
N LEU A 376 34.67 14.86 16.00
CA LEU A 376 35.93 14.41 15.41
C LEU A 376 37.10 14.63 16.38
N LYS A 377 37.04 15.69 17.19
CA LYS A 377 38.08 15.92 18.19
C LYS A 377 38.20 14.79 19.21
N LYS A 378 37.11 14.10 19.51
CA LYS A 378 37.11 13.15 20.60
C LYS A 378 37.48 11.73 20.19
N ILE A 379 37.77 11.51 18.91
CA ILE A 379 38.20 10.17 18.54
C ILE A 379 39.69 10.30 18.32
N ALA A 380 40.39 9.19 18.56
CA ALA A 380 41.83 9.10 18.41
C ALA A 380 42.21 9.20 16.93
N ALA A 381 43.35 9.83 16.69
CA ALA A 381 44.00 9.78 15.39
C ALA A 381 44.19 8.33 14.96
N ALA A 382 44.09 8.09 13.65
CA ALA A 382 44.28 6.75 13.11
C ALA A 382 45.74 6.32 13.31
N LEU A 383 45.97 5.01 13.53
CA LEU A 383 47.34 4.47 13.61
C LEU A 383 48.01 4.66 12.25
N GLU A 384 49.31 5.03 12.26
CA GLU A 384 50.11 5.21 11.05
C GLU A 384 51.35 4.28 11.02
N MET B 1 -12.19 -13.26 25.19
CA MET B 1 -12.43 -11.90 25.75
C MET B 1 -13.78 -11.42 25.23
N ASN B 2 -14.39 -10.47 25.95
CA ASN B 2 -15.65 -9.92 25.57
C ASN B 2 -15.40 -8.90 24.45
N THR B 3 -16.35 -8.84 23.52
CA THR B 3 -16.34 -7.84 22.47
C THR B 3 -16.15 -6.44 23.05
N ASP B 4 -16.93 -6.11 24.09
CA ASP B 4 -16.91 -4.77 24.63
C ASP B 4 -15.56 -4.44 25.25
N ASP B 5 -14.92 -5.38 25.94
CA ASP B 5 -13.60 -5.14 26.47
C ASP B 5 -12.66 -4.81 25.31
N ILE B 6 -12.81 -5.55 24.22
CA ILE B 6 -11.91 -5.34 23.08
C ILE B 6 -12.11 -3.95 22.48
N LEU B 7 -13.38 -3.61 22.20
CA LEU B 7 -13.68 -2.36 21.56
C LEU B 7 -13.27 -1.16 22.42
N PHE B 8 -13.40 -1.25 23.76
CA PHE B 8 -13.45 -0.04 24.59
C PHE B 8 -12.29 0.04 25.55
N SER B 9 -11.56 -1.04 25.80
CA SER B 9 -10.47 -0.89 26.75
C SER B 9 -9.18 -1.63 26.41
N TYR B 10 -9.23 -2.78 25.72
CA TYR B 10 -8.05 -3.61 25.45
C TYR B 10 -6.94 -2.78 24.83
N GLY B 11 -5.77 -2.72 25.48
CA GLY B 11 -4.58 -2.05 24.95
C GLY B 11 -4.51 -0.57 25.33
N GLU B 12 -5.51 -0.07 26.08
CA GLU B 12 -5.65 1.36 26.36
C GLU B 12 -5.41 1.71 27.83
N GLU B 13 -4.68 0.85 28.54
CA GLU B 13 -4.43 1.03 29.97
C GLU B 13 -3.47 2.20 30.14
N ASP B 14 -2.40 2.24 29.32
CA ASP B 14 -1.31 3.19 29.40
C ASP B 14 -1.17 3.87 28.03
N ILE B 15 -1.51 5.13 27.95
CA ILE B 15 -1.45 5.89 26.72
C ILE B 15 -0.49 7.06 26.99
N PRO B 16 0.33 7.48 26.02
CA PRO B 16 1.22 8.62 26.24
C PRO B 16 0.53 9.84 26.83
N LEU B 17 1.17 10.39 27.88
CA LEU B 17 0.77 11.60 28.57
C LEU B 17 -0.63 11.44 29.16
N LYS B 18 -1.11 10.20 29.30
CA LYS B 18 -2.41 9.88 29.89
C LYS B 18 -3.58 10.42 29.07
N ALA B 19 -3.38 10.68 27.77
CA ALA B 19 -4.52 11.01 26.91
C ALA B 19 -5.50 9.87 26.87
N LEU B 20 -6.80 10.20 26.72
CA LEU B 20 -7.76 9.11 26.62
C LEU B 20 -8.04 8.72 25.18
N SER B 21 -7.98 9.69 24.28
CA SER B 21 -7.90 9.39 22.87
C SER B 21 -6.44 9.09 22.50
N PHE B 22 -6.19 7.93 21.91
CA PHE B 22 -4.81 7.57 21.56
C PHE B 22 -4.28 8.59 20.56
N PRO B 23 -3.06 9.15 20.76
CA PRO B 23 -2.52 10.19 19.90
C PRO B 23 -2.22 9.63 18.50
N ILE B 24 -2.24 10.51 17.50
CA ILE B 24 -1.89 10.13 16.15
C ILE B 24 -0.39 10.34 15.93
N PHE B 25 0.30 9.21 15.80
CA PHE B 25 1.75 9.21 15.59
C PHE B 25 2.01 9.30 14.09
N GLU B 26 1.80 10.51 13.54
CA GLU B 26 1.98 10.77 12.12
C GLU B 26 3.44 11.19 11.87
N THR B 27 4.31 10.18 12.01
CA THR B 27 5.76 10.31 11.93
C THR B 27 6.33 9.23 11.03
N THR B 28 7.39 9.58 10.29
CA THR B 28 8.07 8.57 9.49
C THR B 28 9.00 7.80 10.39
N ASN B 29 9.55 8.51 11.36
CA ASN B 29 10.69 7.95 12.06
C ASN B 29 10.68 8.29 13.54
N PHE B 30 11.67 7.71 14.22
CA PHE B 30 11.81 7.80 15.66
C PHE B 30 13.30 7.92 15.97
N TYR B 31 13.67 8.75 16.93
CA TYR B 31 15.07 8.97 17.21
C TYR B 31 15.53 7.91 18.23
N PHE B 32 16.84 7.74 18.30
CA PHE B 32 17.52 6.85 19.24
C PHE B 32 18.48 7.63 20.12
N ASP B 33 18.51 7.31 21.42
CA ASP B 33 19.42 7.91 22.36
C ASP B 33 20.74 7.13 22.38
N SER B 34 20.78 5.91 21.83
CA SER B 34 22.03 5.19 21.81
C SER B 34 22.22 4.38 20.53
N PHE B 35 23.50 4.18 20.17
CA PHE B 35 23.89 3.36 19.04
C PHE B 35 23.40 1.93 19.21
N ASP B 36 23.53 1.41 20.43
CA ASP B 36 23.17 0.02 20.68
C ASP B 36 21.68 -0.18 20.38
N GLU B 37 20.87 0.76 20.82
CA GLU B 37 19.44 0.66 20.61
C GLU B 37 19.14 0.75 19.13
N MET B 38 19.81 1.70 18.43
CA MET B 38 19.58 1.84 17.00
C MET B 38 19.97 0.56 16.28
N SER B 39 21.09 -0.08 16.68
CA SER B 39 21.51 -1.30 16.04
C SER B 39 20.47 -2.41 16.25
N LYS B 40 19.89 -2.53 17.46
CA LYS B 40 18.83 -3.49 17.69
C LYS B 40 17.67 -3.23 16.72
N ALA B 41 17.27 -1.94 16.61
CA ALA B 41 16.15 -1.58 15.77
C ALA B 41 16.36 -1.98 14.31
N LEU B 42 17.62 -1.93 13.84
CA LEU B 42 17.94 -2.19 12.46
C LEU B 42 18.35 -3.63 12.23
N ARG B 43 18.30 -4.48 13.28
CA ARG B 43 18.62 -5.90 13.14
C ARG B 43 17.37 -6.75 13.38
N ASN B 44 16.54 -6.35 14.36
CA ASN B 44 15.38 -7.13 14.76
C ASN B 44 14.25 -6.93 13.73
N GLY B 45 13.33 -7.91 13.71
CA GLY B 45 12.23 -7.94 12.78
C GLY B 45 11.20 -6.84 13.07
N ASP B 46 11.03 -6.45 14.32
CA ASP B 46 9.92 -5.55 14.65
C ASP B 46 10.16 -4.67 15.87
N TYR B 47 11.11 -3.77 15.76
CA TYR B 47 11.40 -2.90 16.88
C TYR B 47 10.34 -1.80 17.08
N GLU B 48 10.05 -1.54 18.35
CA GLU B 48 9.07 -0.52 18.71
C GLU B 48 9.83 0.66 19.34
N PHE B 49 10.07 1.78 18.63
CA PHE B 49 9.67 2.03 17.24
C PHE B 49 10.87 2.60 16.46
N VAL B 50 10.83 2.45 15.11
CA VAL B 50 11.94 2.88 14.28
C VAL B 50 11.43 3.55 12.98
N TYR B 51 10.42 3.01 12.32
CA TYR B 51 10.10 3.52 10.99
C TYR B 51 8.67 3.15 10.60
N LYS B 52 8.03 4.03 9.81
CA LYS B 52 6.61 3.88 9.49
C LYS B 52 6.35 2.67 8.60
N ARG B 53 7.33 2.22 7.78
CA ARG B 53 7.23 0.92 7.13
C ARG B 53 7.77 -0.04 8.16
N GLY B 54 6.88 -0.37 9.07
CA GLY B 54 7.24 -0.97 10.35
C GLY B 54 6.05 -0.77 11.28
N SER B 55 6.22 -1.04 12.57
CA SER B 55 5.17 -0.81 13.55
C SER B 55 5.03 0.68 13.86
N ASN B 56 3.80 1.09 14.14
CA ASN B 56 3.45 2.48 14.46
C ASN B 56 2.61 2.40 15.73
N PRO B 57 2.79 3.28 16.73
CA PRO B 57 2.06 3.13 18.00
C PRO B 57 0.54 3.20 17.83
N THR B 58 0.08 4.10 16.95
CA THR B 58 -1.34 4.27 16.73
C THR B 58 -1.87 3.01 16.03
N THR B 59 -1.23 2.64 14.90
CA THR B 59 -1.68 1.53 14.12
C THR B 59 -1.65 0.25 14.94
N ARG B 60 -0.62 0.07 15.77
CA ARG B 60 -0.50 -1.18 16.52
C ARG B 60 -1.66 -1.36 17.51
N LEU B 61 -2.09 -0.27 18.15
CA LEU B 61 -3.21 -0.39 19.07
C LEU B 61 -4.40 -0.95 18.31
N VAL B 62 -4.68 -0.40 17.11
CA VAL B 62 -5.82 -0.88 16.38
C VAL B 62 -5.65 -2.33 15.92
N GLU B 63 -4.45 -2.68 15.46
CA GLU B 63 -4.15 -4.06 15.13
C GLU B 63 -4.37 -5.01 16.29
N LYS B 64 -3.93 -4.63 17.48
CA LYS B 64 -4.10 -5.48 18.65
C LYS B 64 -5.59 -5.77 18.88
N LYS B 65 -6.40 -4.72 18.82
CA LYS B 65 -7.84 -4.91 18.97
C LYS B 65 -8.38 -5.84 17.89
N LEU B 66 -8.00 -5.60 16.60
CA LEU B 66 -8.59 -6.37 15.52
C LEU B 66 -8.23 -7.86 15.67
N ALA B 67 -6.98 -8.13 16.05
CA ALA B 67 -6.57 -9.50 16.25
C ALA B 67 -7.46 -10.13 17.32
N ALA B 68 -7.66 -9.42 18.43
CA ALA B 68 -8.44 -9.99 19.52
C ALA B 68 -9.88 -10.20 19.06
N LEU B 69 -10.42 -9.25 18.28
CA LEU B 69 -11.74 -9.47 17.77
C LEU B 69 -11.87 -10.73 16.92
N GLU B 70 -10.85 -11.07 16.10
CA GLU B 70 -10.90 -12.24 15.25
C GLU B 70 -10.35 -13.47 15.99
N GLU B 71 -10.07 -13.34 17.28
CA GLU B 71 -9.41 -14.39 18.03
C GLU B 71 -8.19 -14.97 17.29
N CYS B 72 -7.41 -14.08 16.66
CA CYS B 72 -6.12 -14.37 16.10
C CYS B 72 -5.03 -13.84 17.00
N GLU B 73 -3.84 -14.44 16.88
CA GLU B 73 -2.69 -14.07 17.71
C GLU B 73 -2.14 -12.70 17.32
N ASP B 74 -2.27 -12.32 16.03
CA ASP B 74 -1.68 -11.06 15.58
C ASP B 74 -2.42 -10.58 14.32
N ALA B 75 -2.31 -9.29 14.03
CA ALA B 75 -2.94 -8.72 12.85
C ALA B 75 -2.10 -7.56 12.38
N ARG B 76 -2.27 -7.26 11.07
CA ARG B 76 -1.65 -6.06 10.51
C ARG B 76 -2.66 -5.31 9.66
N LEU B 77 -2.61 -3.96 9.81
CA LEU B 77 -3.39 -3.05 8.97
C LEU B 77 -2.55 -2.68 7.76
N VAL B 78 -3.23 -2.61 6.61
CA VAL B 78 -2.59 -2.32 5.34
C VAL B 78 -3.50 -1.35 4.58
N ALA B 79 -3.00 -0.83 3.47
CA ALA B 79 -3.63 0.29 2.76
C ALA B 79 -5.00 0.00 2.15
N SER B 80 -5.34 -1.27 1.91
CA SER B 80 -6.62 -1.62 1.32
C SER B 80 -6.92 -3.09 1.60
N GLY B 81 -8.19 -3.44 1.41
CA GLY B 81 -8.56 -4.85 1.40
C GLY B 81 -7.77 -5.65 0.36
N MET B 82 -7.56 -5.08 -0.83
CA MET B 82 -6.74 -5.78 -1.81
C MET B 82 -5.29 -5.95 -1.39
N SER B 83 -4.70 -5.02 -0.62
CA SER B 83 -3.38 -5.27 -0.08
C SER B 83 -3.41 -6.49 0.86
N ALA B 84 -4.42 -6.56 1.73
CA ALA B 84 -4.51 -7.68 2.68
C ALA B 84 -4.63 -9.01 1.90
N ILE B 85 -5.49 -9.03 0.88
CA ILE B 85 -5.71 -10.21 0.06
C ILE B 85 -4.45 -10.59 -0.70
N SER B 86 -3.88 -9.64 -1.46
CA SER B 86 -2.76 -9.95 -2.32
C SER B 86 -1.50 -10.36 -1.52
N LEU B 87 -1.20 -9.68 -0.42
CA LEU B 87 -0.04 -10.02 0.38
C LEU B 87 -0.23 -11.41 1.00
N SER B 88 -1.45 -11.72 1.47
CA SER B 88 -1.73 -13.02 2.07
C SER B 88 -1.53 -14.13 1.05
N ILE B 89 -2.03 -13.90 -0.16
CA ILE B 89 -1.85 -14.85 -1.23
C ILE B 89 -0.37 -15.07 -1.60
N LEU B 90 0.40 -13.98 -1.73
CA LEU B 90 1.81 -14.08 -2.06
C LEU B 90 2.54 -14.86 -0.99
N HIS B 91 2.16 -14.66 0.28
CA HIS B 91 2.84 -15.34 1.38
C HIS B 91 2.76 -16.87 1.26
N PHE B 92 1.66 -17.36 0.73
CA PHE B 92 1.41 -18.78 0.73
C PHE B 92 1.80 -19.45 -0.59
N LEU B 93 2.28 -18.70 -1.57
CA LEU B 93 2.46 -19.26 -2.91
C LEU B 93 3.89 -19.05 -3.43
N SER B 94 4.33 -20.04 -4.22
CA SER B 94 5.59 -19.97 -4.95
C SER B 94 5.40 -20.65 -6.30
N SER B 95 6.37 -20.49 -7.19
CA SER B 95 6.39 -21.13 -8.49
C SER B 95 6.09 -22.63 -8.38
N GLY B 96 5.17 -23.12 -9.22
CA GLY B 96 4.81 -24.53 -9.30
C GLY B 96 3.61 -24.88 -8.43
N ASP B 97 3.14 -23.91 -7.61
CA ASP B 97 2.05 -24.16 -6.70
C ASP B 97 0.72 -24.04 -7.41
N HIS B 98 -0.26 -24.72 -6.81
CA HIS B 98 -1.66 -24.71 -7.21
C HIS B 98 -2.51 -24.10 -6.10
N VAL B 99 -3.60 -23.47 -6.51
CA VAL B 99 -4.58 -22.88 -5.59
C VAL B 99 -5.97 -23.28 -6.02
N VAL B 100 -6.82 -23.53 -5.02
CA VAL B 100 -8.23 -23.62 -5.27
C VAL B 100 -8.88 -22.33 -4.81
N CYS B 101 -9.63 -21.68 -5.69
CA CYS B 101 -10.24 -20.40 -5.35
C CYS B 101 -11.74 -20.46 -5.62
N VAL B 102 -12.56 -20.03 -4.67
CA VAL B 102 -13.98 -20.04 -4.90
C VAL B 102 -14.29 -19.02 -5.99
N ASP B 103 -15.12 -19.40 -6.94
CA ASP B 103 -15.32 -18.62 -8.15
C ASP B 103 -16.28 -17.44 -7.94
N GLU B 104 -16.83 -17.32 -6.72
CA GLU B 104 -17.59 -16.13 -6.29
C GLU B 104 -16.81 -15.24 -5.31
N ALA B 105 -15.52 -15.45 -5.22
CA ALA B 105 -14.64 -14.53 -4.51
C ALA B 105 -14.75 -13.16 -5.16
N TYR B 106 -14.46 -12.14 -4.34
CA TYR B 106 -14.42 -10.75 -4.83
C TYR B 106 -13.63 -10.65 -6.14
N SER B 107 -14.18 -9.88 -7.09
CA SER B 107 -13.67 -9.87 -8.44
C SER B 107 -12.18 -9.57 -8.47
N TRP B 108 -11.68 -8.57 -7.71
CA TRP B 108 -10.27 -8.24 -7.77
C TRP B 108 -9.38 -9.32 -7.14
N ALA B 109 -9.91 -10.14 -6.21
CA ALA B 109 -9.16 -11.30 -5.73
C ALA B 109 -8.89 -12.28 -6.87
N LYS B 110 -9.94 -12.56 -7.66
CA LYS B 110 -9.83 -13.40 -8.83
C LYS B 110 -8.92 -12.76 -9.87
N LYS B 111 -9.02 -11.44 -10.10
CA LYS B 111 -8.09 -10.76 -10.99
C LYS B 111 -6.65 -10.93 -10.55
N PHE B 112 -6.41 -10.88 -9.24
CA PHE B 112 -5.05 -11.03 -8.75
C PHE B 112 -4.57 -12.47 -8.98
N PHE B 113 -5.42 -13.48 -8.70
CA PHE B 113 -5.04 -14.84 -9.03
C PHE B 113 -4.72 -14.99 -10.53
N ASN B 114 -5.57 -14.44 -11.39
CA ASN B 114 -5.35 -14.49 -12.83
C ASN B 114 -4.02 -13.82 -13.24
N TYR B 115 -3.73 -12.67 -12.62
CA TYR B 115 -2.48 -11.94 -12.84
C TYR B 115 -1.25 -12.78 -12.48
N LEU B 116 -1.30 -13.48 -11.32
CA LEU B 116 -0.19 -14.33 -10.90
C LEU B 116 -0.07 -15.51 -11.86
N SER B 117 -1.21 -16.10 -12.27
CA SER B 117 -1.17 -17.26 -13.14
C SER B 117 -0.64 -16.88 -14.54
N LYS B 118 -0.90 -15.64 -15.00
CA LYS B 118 -0.36 -15.21 -16.28
C LYS B 118 1.16 -14.97 -16.20
N LYS B 119 1.59 -14.33 -15.10
CA LYS B 119 2.95 -13.84 -14.98
C LYS B 119 3.89 -14.92 -14.48
N PHE B 120 3.42 -15.85 -13.61
CA PHE B 120 4.28 -16.79 -12.94
C PHE B 120 3.69 -18.20 -13.07
N ASP B 121 4.44 -19.21 -12.64
CA ASP B 121 3.94 -20.59 -12.72
C ASP B 121 3.05 -20.91 -11.51
N ILE B 122 1.86 -20.30 -11.52
CA ILE B 122 0.84 -20.56 -10.51
C ILE B 122 -0.41 -21.02 -11.22
N GLU B 123 -0.94 -22.17 -10.77
CA GLU B 123 -2.15 -22.70 -11.39
C GLU B 123 -3.33 -22.53 -10.44
N VAL B 124 -4.44 -22.12 -11.00
CA VAL B 124 -5.61 -21.81 -10.22
C VAL B 124 -6.80 -22.60 -10.73
N SER B 125 -7.45 -23.34 -9.83
CA SER B 125 -8.75 -23.90 -10.14
C SER B 125 -9.85 -23.10 -9.45
N TYR B 126 -10.79 -22.59 -10.23
CA TYR B 126 -11.95 -21.89 -9.74
C TYR B 126 -13.11 -22.87 -9.61
N VAL B 127 -13.76 -22.84 -8.45
CA VAL B 127 -14.82 -23.76 -8.15
C VAL B 127 -15.96 -23.03 -7.52
N PRO B 128 -17.18 -23.61 -7.62
CA PRO B 128 -18.37 -23.07 -6.96
C PRO B 128 -18.19 -23.01 -5.44
N PRO B 129 -18.98 -22.20 -4.71
CA PRO B 129 -18.92 -22.14 -3.26
C PRO B 129 -19.56 -23.35 -2.58
N ASP B 130 -18.90 -24.48 -2.71
CA ASP B 130 -19.44 -25.78 -2.30
C ASP B 130 -18.27 -26.56 -1.73
N ALA B 131 -18.32 -26.90 -0.43
CA ALA B 131 -17.15 -27.50 0.19
C ALA B 131 -16.71 -28.76 -0.55
N GLU B 132 -17.68 -29.56 -1.05
CA GLU B 132 -17.32 -30.78 -1.73
C GLU B 132 -16.55 -30.49 -3.01
N ARG B 133 -17.02 -29.53 -3.82
CA ARG B 133 -16.26 -29.16 -5.01
C ARG B 133 -14.88 -28.63 -4.69
N ILE B 134 -14.75 -27.85 -3.63
CA ILE B 134 -13.48 -27.31 -3.19
C ILE B 134 -12.51 -28.45 -2.87
N VAL B 135 -12.94 -29.46 -2.06
CA VAL B 135 -12.00 -30.50 -1.68
C VAL B 135 -11.70 -31.41 -2.89
N GLU B 136 -12.63 -31.51 -3.83
CA GLU B 136 -12.39 -32.29 -5.02
C GLU B 136 -11.34 -31.69 -5.96
N ALA B 137 -11.07 -30.37 -5.85
CA ALA B 137 -10.18 -29.69 -6.75
C ALA B 137 -8.76 -29.71 -6.20
N ILE B 138 -8.56 -30.19 -4.94
CA ILE B 138 -7.24 -30.26 -4.36
C ILE B 138 -6.40 -31.27 -5.13
N THR B 139 -5.16 -30.88 -5.43
CA THR B 139 -4.18 -31.76 -6.06
C THR B 139 -3.00 -31.84 -5.13
N LYS B 140 -2.03 -32.71 -5.48
CA LYS B 140 -0.80 -32.85 -4.73
C LYS B 140 -0.01 -31.53 -4.74
N LYS B 141 -0.25 -30.63 -5.70
CA LYS B 141 0.48 -29.36 -5.72
C LYS B 141 -0.27 -28.23 -5.03
N THR B 142 -1.51 -28.46 -4.54
CA THR B 142 -2.30 -27.39 -3.91
C THR B 142 -1.61 -26.91 -2.65
N LYS B 143 -1.34 -25.59 -2.56
CA LYS B 143 -0.77 -25.00 -1.36
C LYS B 143 -1.73 -24.06 -0.63
N LEU B 144 -2.76 -23.61 -1.32
CA LEU B 144 -3.66 -22.61 -0.82
C LEU B 144 -5.08 -22.91 -1.29
N ILE B 145 -6.03 -22.69 -0.37
CA ILE B 145 -7.43 -22.66 -0.65
C ILE B 145 -7.98 -21.29 -0.21
N TYR B 146 -8.58 -20.59 -1.15
CA TYR B 146 -9.07 -19.24 -0.93
C TYR B 146 -10.58 -19.23 -0.87
N LEU B 147 -11.09 -18.80 0.27
CA LEU B 147 -12.50 -18.83 0.62
C LEU B 147 -13.06 -17.43 0.87
N GLU B 148 -14.35 -17.33 0.69
CA GLU B 148 -15.11 -16.16 1.05
C GLU B 148 -16.49 -16.67 1.43
N SER B 149 -17.04 -16.23 2.58
CA SER B 149 -18.33 -16.78 2.93
C SER B 149 -19.00 -15.84 3.91
N PRO B 150 -20.15 -15.25 3.61
CA PRO B 150 -20.85 -15.37 2.32
C PRO B 150 -20.04 -14.80 1.17
N THR B 151 -20.29 -15.31 -0.04
CA THR B 151 -19.54 -14.89 -1.21
C THR B 151 -19.98 -13.51 -1.71
N SER B 152 -19.17 -12.98 -2.63
CA SER B 152 -19.48 -11.72 -3.30
C SER B 152 -20.63 -11.89 -4.27
N MET B 153 -21.49 -10.89 -4.22
CA MET B 153 -22.67 -10.67 -5.06
C MET B 153 -23.84 -11.63 -4.77
N ARG B 154 -23.55 -12.93 -4.70
CA ARG B 154 -24.56 -13.95 -4.53
C ARG B 154 -24.75 -14.42 -3.07
N MET B 155 -23.84 -14.01 -2.18
CA MET B 155 -23.98 -14.20 -0.76
C MET B 155 -24.20 -15.68 -0.43
N LYS B 156 -23.43 -16.56 -1.06
CA LYS B 156 -23.48 -17.99 -0.75
C LYS B 156 -22.56 -18.33 0.42
N VAL B 157 -23.02 -19.24 1.28
CA VAL B 157 -22.25 -19.74 2.40
C VAL B 157 -21.63 -21.09 2.06
N ILE B 158 -20.40 -21.25 2.54
CA ILE B 158 -19.61 -22.45 2.39
C ILE B 158 -19.52 -23.11 3.75
N ASP B 159 -19.53 -24.46 3.76
CA ASP B 159 -19.20 -25.17 4.99
C ASP B 159 -17.70 -25.09 5.25
N ILE B 160 -17.28 -24.09 6.06
CA ILE B 160 -15.88 -23.82 6.26
C ILE B 160 -15.18 -24.96 6.98
N ARG B 161 -15.81 -25.56 7.98
CA ARG B 161 -15.11 -26.58 8.77
C ARG B 161 -14.78 -27.80 7.90
N LYS B 162 -15.64 -28.10 6.93
CA LYS B 162 -15.44 -29.21 6.03
C LYS B 162 -14.20 -28.95 5.19
N VAL B 163 -14.03 -27.69 4.73
CA VAL B 163 -12.83 -27.36 3.99
C VAL B 163 -11.57 -27.36 4.88
N THR B 164 -11.65 -26.79 6.07
CA THR B 164 -10.44 -26.62 6.87
C THR B 164 -9.99 -27.96 7.47
N GLU B 165 -10.94 -28.86 7.71
CA GLU B 165 -10.58 -30.21 8.16
C GLU B 165 -9.67 -30.89 7.14
N ALA B 166 -10.09 -30.82 5.87
CA ALA B 166 -9.34 -31.44 4.79
C ALA B 166 -8.03 -30.73 4.59
N ALA B 167 -8.08 -29.38 4.56
CA ALA B 167 -6.86 -28.63 4.41
C ALA B 167 -5.86 -28.93 5.51
N GLY B 168 -6.29 -28.88 6.77
CA GLY B 168 -5.42 -29.14 7.92
C GLY B 168 -4.76 -30.52 7.81
N GLU B 169 -5.51 -31.51 7.32
CA GLU B 169 -5.03 -32.88 7.18
C GLU B 169 -3.89 -32.93 6.18
N LEU B 170 -3.98 -32.11 5.14
CA LEU B 170 -3.01 -32.15 4.04
C LEU B 170 -1.97 -31.03 4.14
N LYS B 171 -1.97 -30.24 5.22
CA LYS B 171 -1.02 -29.15 5.38
C LYS B 171 -1.20 -28.14 4.25
N ILE B 172 -2.44 -27.92 3.84
CA ILE B 172 -2.78 -26.89 2.86
C ILE B 172 -3.27 -25.66 3.65
N LYS B 173 -2.75 -24.47 3.30
CA LYS B 173 -3.15 -23.25 3.97
C LYS B 173 -4.45 -22.68 3.40
N THR B 174 -5.23 -22.08 4.31
CA THR B 174 -6.50 -21.45 3.96
C THR B 174 -6.45 -19.96 4.30
N VAL B 175 -7.02 -19.16 3.39
CA VAL B 175 -7.32 -17.75 3.61
C VAL B 175 -8.81 -17.58 3.36
N ILE B 176 -9.44 -16.80 4.26
CA ILE B 176 -10.83 -16.42 4.09
C ILE B 176 -10.96 -14.89 4.15
N ASP B 177 -11.79 -14.36 3.26
CA ASP B 177 -12.23 -12.96 3.33
C ASP B 177 -13.53 -12.90 4.10
N ASN B 178 -13.47 -12.31 5.30
CA ASN B 178 -14.60 -12.25 6.22
C ASN B 178 -15.21 -10.86 6.27
N THR B 179 -15.10 -10.10 5.18
CA THR B 179 -15.55 -8.70 5.21
C THR B 179 -17.07 -8.62 5.43
N TRP B 180 -17.84 -9.48 4.75
CA TRP B 180 -19.30 -9.47 4.77
C TRP B 180 -19.83 -9.49 6.21
N ALA B 181 -19.37 -10.45 7.03
CA ALA B 181 -19.93 -10.67 8.36
C ALA B 181 -19.41 -9.64 9.38
N SER B 182 -18.19 -9.18 9.16
CA SER B 182 -17.39 -8.52 10.18
C SER B 182 -17.02 -9.51 11.27
N PRO B 183 -16.05 -9.17 12.11
CA PRO B 183 -15.72 -10.03 13.25
C PRO B 183 -16.82 -10.21 14.28
N ILE B 184 -17.84 -9.35 14.24
CA ILE B 184 -18.95 -9.41 15.18
C ILE B 184 -19.73 -10.69 14.93
N PHE B 185 -19.89 -11.08 13.66
CA PHE B 185 -20.84 -12.12 13.31
C PHE B 185 -20.18 -13.42 12.88
N GLN B 186 -18.92 -13.42 12.51
CA GLN B 186 -18.23 -14.64 12.17
C GLN B 186 -16.76 -14.51 12.53
N LYS B 187 -16.21 -15.57 13.12
CA LYS B 187 -14.80 -15.63 13.47
C LYS B 187 -14.18 -16.88 12.88
N PRO B 188 -13.81 -16.84 11.57
CA PRO B 188 -13.37 -18.04 10.90
C PRO B 188 -12.12 -18.73 11.44
N LYS B 189 -11.30 -18.02 12.21
CA LYS B 189 -10.14 -18.66 12.82
C LYS B 189 -10.67 -19.82 13.67
N LEU B 190 -11.81 -19.62 14.33
CA LEU B 190 -12.41 -20.64 15.18
C LEU B 190 -13.00 -21.77 14.35
N LEU B 191 -13.20 -21.58 13.04
CA LEU B 191 -13.67 -22.62 12.13
C LEU B 191 -12.47 -23.30 11.45
N GLY B 192 -11.24 -22.95 11.86
CA GLY B 192 -10.01 -23.58 11.43
C GLY B 192 -9.26 -22.91 10.25
N VAL B 193 -9.63 -21.67 9.87
CA VAL B 193 -8.92 -21.02 8.77
C VAL B 193 -7.62 -20.44 9.27
N ASP B 194 -6.57 -20.50 8.44
CA ASP B 194 -5.23 -20.06 8.83
C ASP B 194 -5.15 -18.53 8.94
N VAL B 195 -5.62 -17.84 7.89
CA VAL B 195 -5.50 -16.39 7.81
C VAL B 195 -6.82 -15.77 7.40
N VAL B 196 -7.24 -14.73 8.14
CA VAL B 196 -8.49 -14.04 7.90
C VAL B 196 -8.14 -12.65 7.37
N VAL B 197 -8.81 -12.24 6.29
CA VAL B 197 -8.62 -10.91 5.74
C VAL B 197 -9.95 -10.16 5.75
N HIS B 198 -9.85 -8.82 5.85
CA HIS B 198 -11.00 -7.95 5.70
C HIS B 198 -10.61 -6.75 4.86
N SER B 199 -11.58 -6.28 4.07
CA SER B 199 -11.61 -4.89 3.67
C SER B 199 -12.19 -4.05 4.80
N ALA B 200 -11.33 -3.43 5.65
CA ALA B 200 -11.76 -2.53 6.70
C ALA B 200 -12.39 -1.25 6.14
N THR B 201 -12.20 -1.02 4.85
CA THR B 201 -12.95 -0.03 4.08
C THR B 201 -14.43 -0.13 4.34
N TYR B 203 -17.16 -2.56 6.90
CA TYR B 203 -17.81 -2.41 8.22
C TYR B 203 -16.85 -1.97 9.31
N ILE B 204 -15.59 -2.35 9.26
CA ILE B 204 -14.72 -2.16 10.42
C ILE B 204 -14.52 -0.64 10.62
N SER B 205 -14.20 0.10 9.55
CA SER B 205 -14.16 1.58 9.60
C SER B 205 -15.60 2.09 9.71
N GLY B 206 -16.47 1.62 8.80
CA GLY B 206 -17.90 1.82 8.93
C GLY B 206 -18.47 3.16 8.48
N HIS B 207 -17.65 4.03 7.88
CA HIS B 207 -18.10 5.40 7.63
C HIS B 207 -17.83 5.88 6.20
N GLY B 208 -17.46 4.97 5.31
CA GLY B 208 -17.30 5.27 3.89
C GLY B 208 -16.25 6.35 3.59
N ASP B 209 -15.12 6.28 4.28
CA ASP B 209 -14.08 7.28 4.13
C ASP B 209 -12.71 6.62 4.05
N VAL B 210 -12.29 5.95 5.14
CA VAL B 210 -11.04 5.21 5.13
C VAL B 210 -11.07 4.04 4.17
N MET B 211 -9.91 3.83 3.51
CA MET B 211 -9.65 2.58 2.80
C MET B 211 -8.57 1.85 3.54
N ALA B 212 -8.80 0.57 3.83
CA ALA B 212 -7.85 -0.18 4.64
C ALA B 212 -8.15 -1.68 4.56
N GLY B 213 -7.12 -2.50 4.83
CA GLY B 213 -7.28 -3.93 4.88
C GLY B 213 -6.70 -4.48 6.16
N VAL B 214 -7.15 -5.65 6.58
CA VAL B 214 -6.62 -6.30 7.76
C VAL B 214 -6.22 -7.73 7.36
N ILE B 215 -5.04 -8.13 7.83
CA ILE B 215 -4.55 -9.50 7.74
C ILE B 215 -4.42 -9.98 9.18
N ALA B 216 -5.02 -11.13 9.52
CA ALA B 216 -4.95 -11.64 10.86
C ALA B 216 -4.67 -13.14 10.84
N GLY B 217 -3.87 -13.62 11.81
CA GLY B 217 -3.70 -15.05 11.95
C GLY B 217 -2.69 -15.36 13.05
N ASP B 218 -1.98 -16.51 12.91
CA ASP B 218 -1.05 -16.94 13.96
C ASP B 218 0.24 -16.13 13.89
N VAL B 219 1.01 -16.18 14.98
CA VAL B 219 2.27 -15.45 15.11
C VAL B 219 3.19 -15.81 13.96
N GLU B 220 3.31 -17.10 13.64
CA GLU B 220 4.35 -17.49 12.68
C GLU B 220 4.03 -16.88 11.31
N ASP B 221 2.80 -17.09 10.85
CA ASP B 221 2.38 -16.53 9.58
C ASP B 221 2.54 -15.01 9.58
N MET B 222 1.99 -14.34 10.60
CA MET B 222 1.98 -12.88 10.61
C MET B 222 3.36 -12.27 10.75
N LYS B 223 4.28 -12.93 11.46
CA LYS B 223 5.64 -12.43 11.55
C LYS B 223 6.30 -12.40 10.17
N ASN B 224 6.07 -13.44 9.38
CA ASN B 224 6.66 -13.57 8.05
C ASN B 224 5.98 -12.65 7.04
N ILE B 225 4.66 -12.49 7.13
CA ILE B 225 3.94 -11.53 6.27
C ILE B 225 4.45 -10.13 6.55
N PHE B 226 4.76 -9.82 7.80
CA PHE B 226 5.26 -8.51 8.17
C PHE B 226 6.65 -8.26 7.60
N VAL B 227 7.61 -9.14 7.91
CA VAL B 227 8.99 -8.90 7.55
C VAL B 227 9.25 -9.10 6.06
N ASP B 228 8.43 -9.89 5.37
CA ASP B 228 8.62 -10.17 3.96
C ASP B 228 7.69 -9.27 3.14
N GLU B 229 6.44 -9.66 3.00
CA GLU B 229 5.51 -8.96 2.11
C GLU B 229 5.32 -7.49 2.50
N TYR B 230 5.04 -7.25 3.78
CA TYR B 230 4.66 -5.90 4.18
C TYR B 230 5.81 -4.92 3.99
N LYS B 231 6.99 -5.28 4.49
CA LYS B 231 8.17 -4.46 4.33
C LYS B 231 8.65 -4.32 2.89
N ASN B 232 8.48 -5.35 2.06
CA ASN B 232 9.02 -5.31 0.70
C ASN B 232 8.06 -4.55 -0.22
N ILE B 233 6.76 -4.71 -0.02
CA ILE B 233 5.77 -4.11 -0.90
C ILE B 233 5.25 -2.78 -0.35
N GLY B 234 5.24 -2.65 0.98
CA GLY B 234 4.97 -1.37 1.61
C GLY B 234 3.55 -0.82 1.52
N PRO B 235 2.48 -1.60 1.61
CA PRO B 235 1.12 -1.04 1.60
C PRO B 235 0.77 -0.49 2.99
N VAL B 236 1.50 0.56 3.36
CA VAL B 236 1.38 1.13 4.69
C VAL B 236 0.08 1.94 4.79
N LEU B 237 -0.62 1.75 5.91
CA LEU B 237 -1.78 2.56 6.22
C LEU B 237 -1.33 3.82 6.95
N SER B 238 -1.96 4.95 6.57
CA SER B 238 -1.70 6.20 7.31
C SER B 238 -2.12 6.05 8.78
N PRO B 239 -1.26 6.40 9.76
CA PRO B 239 -1.70 6.44 11.16
C PRO B 239 -2.93 7.31 11.38
N ILE B 240 -3.13 8.35 10.55
CA ILE B 240 -4.37 9.14 10.66
C ILE B 240 -5.57 8.26 10.37
N GLU B 241 -5.50 7.43 9.33
CA GLU B 241 -6.56 6.51 9.02
C GLU B 241 -6.67 5.40 10.06
N ALA B 242 -5.55 4.95 10.64
CA ALA B 242 -5.68 3.97 11.71
C ALA B 242 -6.52 4.53 12.87
N TRP B 243 -6.25 5.79 13.23
CA TRP B 243 -6.97 6.47 14.30
C TRP B 243 -8.44 6.60 13.94
N LEU B 244 -8.74 6.82 12.65
CA LEU B 244 -10.12 6.89 12.23
C LEU B 244 -10.81 5.52 12.32
N ILE B 245 -10.05 4.44 12.09
CA ILE B 245 -10.59 3.10 12.28
C ILE B 245 -10.89 2.88 13.76
N LEU B 246 -9.97 3.25 14.63
CA LEU B 246 -10.18 3.11 16.05
C LEU B 246 -11.48 3.83 16.42
N ARG B 247 -11.66 5.05 15.91
CA ARG B 247 -12.87 5.84 16.20
C ARG B 247 -14.11 5.09 15.73
N GLY B 248 -14.04 4.56 14.50
CA GLY B 248 -15.15 3.81 13.94
C GLY B 248 -15.48 2.52 14.67
N LEU B 249 -14.44 1.89 15.19
CA LEU B 249 -14.52 0.60 15.87
C LEU B 249 -15.38 0.72 17.12
N ARG B 250 -15.36 1.89 17.74
CA ARG B 250 -16.13 2.06 18.95
C ARG B 250 -17.59 1.66 18.77
N THR B 251 -18.18 1.97 17.61
CA THR B 251 -19.59 1.69 17.37
C THR B 251 -19.80 0.38 16.60
N LEU B 252 -18.76 -0.45 16.39
CA LEU B 252 -18.90 -1.57 15.48
C LEU B 252 -20.02 -2.54 15.92
N GLU B 253 -20.08 -2.83 17.23
CA GLU B 253 -21.10 -3.76 17.72
C GLU B 253 -22.49 -3.14 17.54
N LEU B 254 -22.66 -1.86 17.88
CA LEU B 254 -23.95 -1.17 17.75
C LEU B 254 -24.37 -1.15 16.28
N ARG B 255 -23.41 -0.89 15.40
CA ARG B 255 -23.74 -0.79 13.97
C ARG B 255 -24.14 -2.15 13.42
N MET B 256 -23.34 -3.18 13.71
CA MET B 256 -23.60 -4.50 13.12
C MET B 256 -24.99 -5.00 13.55
N LYS B 257 -25.34 -4.77 14.82
CA LYS B 257 -26.64 -5.18 15.34
C LYS B 257 -27.77 -4.48 14.62
N LYS B 258 -27.59 -3.19 14.37
CA LYS B 258 -28.58 -2.39 13.65
C LYS B 258 -28.71 -2.89 12.21
N HIS B 259 -27.60 -3.11 11.53
CA HIS B 259 -27.67 -3.57 10.15
C HIS B 259 -28.43 -4.90 10.10
N TYR B 260 -28.19 -5.77 11.07
CA TYR B 260 -28.83 -7.09 11.07
C TYR B 260 -30.32 -6.94 11.24
N GLU B 261 -30.74 -6.13 12.24
CA GLU B 261 -32.14 -5.87 12.46
C GLU B 261 -32.80 -5.34 11.17
N ASN B 262 -32.18 -4.33 10.58
CA ASN B 262 -32.73 -3.75 9.37
C ASN B 262 -32.75 -4.75 8.21
N ALA B 263 -31.72 -5.56 8.08
CA ALA B 263 -31.60 -6.45 6.93
C ALA B 263 -32.69 -7.54 7.03
N LEU B 264 -33.03 -7.92 8.28
CA LEU B 264 -34.11 -8.90 8.43
C LEU B 264 -35.44 -8.34 7.91
N VAL B 265 -35.71 -7.07 8.20
CA VAL B 265 -36.93 -6.42 7.74
C VAL B 265 -36.95 -6.37 6.21
N VAL B 266 -35.84 -5.88 5.62
CA VAL B 266 -35.80 -5.66 4.19
C VAL B 266 -35.83 -7.00 3.45
N SER B 267 -35.02 -7.98 3.89
CA SER B 267 -35.02 -9.31 3.28
C SER B 267 -36.41 -9.98 3.38
N ASP B 268 -37.11 -9.83 4.52
CA ASP B 268 -38.45 -10.38 4.65
C ASP B 268 -39.39 -9.75 3.61
N PHE B 269 -39.28 -8.45 3.42
CA PHE B 269 -40.13 -7.77 2.46
C PHE B 269 -39.82 -8.28 1.06
N LEU B 270 -38.53 -8.38 0.72
CA LEU B 270 -38.16 -8.79 -0.61
C LEU B 270 -38.62 -10.23 -0.85
N MET B 271 -38.51 -11.09 0.17
CA MET B 271 -38.84 -12.51 -0.04
C MET B 271 -40.33 -12.67 -0.38
N ASP B 272 -41.17 -11.76 0.12
CA ASP B 272 -42.61 -11.88 -0.01
C ASP B 272 -43.12 -11.05 -1.18
N HIS B 273 -42.26 -10.32 -1.89
CA HIS B 273 -42.77 -9.40 -2.89
C HIS B 273 -42.96 -10.16 -4.19
N PRO B 274 -44.14 -10.04 -4.85
CA PRO B 274 -44.37 -10.78 -6.09
C PRO B 274 -43.45 -10.49 -7.27
N LYS B 275 -42.76 -9.34 -7.32
CA LYS B 275 -41.87 -9.07 -8.43
C LYS B 275 -40.42 -9.49 -8.18
N VAL B 276 -40.11 -10.04 -7.01
CA VAL B 276 -38.78 -10.53 -6.72
C VAL B 276 -38.79 -12.06 -6.85
N LEU B 277 -37.85 -12.57 -7.65
CA LEU B 277 -37.73 -14.00 -7.85
C LEU B 277 -37.16 -14.67 -6.61
N GLU B 278 -36.04 -14.15 -6.10
CA GLU B 278 -35.38 -14.82 -4.99
C GLU B 278 -34.49 -13.79 -4.29
N VAL B 279 -34.12 -14.09 -3.04
CA VAL B 279 -33.37 -13.18 -2.20
C VAL B 279 -32.20 -13.97 -1.66
N ASN B 280 -31.01 -13.35 -1.73
CA ASN B 280 -29.79 -13.91 -1.17
C ASN B 280 -29.45 -13.13 0.11
N TYR B 281 -29.86 -13.68 1.24
CA TYR B 281 -29.50 -13.14 2.53
C TYR B 281 -29.50 -14.32 3.50
N PRO B 282 -28.34 -14.96 3.72
CA PRO B 282 -28.32 -16.27 4.37
C PRO B 282 -28.70 -16.28 5.85
N MET B 283 -28.76 -15.12 6.50
CA MET B 283 -29.08 -15.08 7.92
C MET B 283 -30.54 -14.66 8.16
N ASN B 284 -31.36 -14.64 7.12
CA ASN B 284 -32.80 -14.63 7.30
C ASN B 284 -33.26 -16.07 7.59
N PRO B 285 -33.99 -16.35 8.70
CA PRO B 285 -34.37 -17.74 9.01
C PRO B 285 -35.06 -18.52 7.90
N ARG B 286 -35.66 -17.82 6.93
CA ARG B 286 -36.36 -18.49 5.85
C ARG B 286 -35.46 -18.80 4.67
N SER B 287 -34.22 -18.31 4.72
CA SER B 287 -33.24 -18.64 3.71
C SER B 287 -32.99 -20.15 3.64
N PRO B 288 -32.79 -20.69 2.42
CA PRO B 288 -32.42 -22.09 2.24
C PRO B 288 -31.05 -22.39 2.84
N GLN B 289 -30.21 -21.35 3.06
CA GLN B 289 -28.89 -21.53 3.60
C GLN B 289 -28.85 -21.35 5.12
N TYR B 290 -30.00 -21.13 5.77
CA TYR B 290 -29.95 -20.62 7.13
C TYR B 290 -29.29 -21.61 8.08
N GLU B 291 -29.57 -22.90 7.91
CA GLU B 291 -29.06 -23.86 8.87
C GLU B 291 -27.54 -23.86 8.88
N LEU B 292 -26.94 -23.89 7.68
CA LEU B 292 -25.50 -23.82 7.57
C LEU B 292 -24.95 -22.46 8.02
N ALA B 293 -25.55 -21.39 7.53
CA ALA B 293 -25.11 -20.03 7.90
C ALA B 293 -25.09 -19.86 9.43
N SER B 294 -26.22 -20.18 10.07
CA SER B 294 -26.36 -19.95 11.51
C SER B 294 -25.48 -20.90 12.33
N SER B 295 -24.96 -21.97 11.72
CA SER B 295 -23.95 -22.79 12.38
C SER B 295 -22.58 -22.11 12.45
N GLN B 296 -22.33 -21.08 11.62
CA GLN B 296 -21.03 -20.45 11.47
C GLN B 296 -21.03 -18.98 11.86
N MET B 297 -22.21 -18.36 11.87
CA MET B 297 -22.38 -16.96 12.08
C MET B 297 -23.44 -16.72 13.16
N SER B 298 -23.23 -15.63 13.90
CA SER B 298 -24.08 -15.21 15.02
C SER B 298 -25.07 -14.14 14.57
N GLY B 299 -24.92 -13.68 13.32
CA GLY B 299 -25.87 -12.73 12.75
C GLY B 299 -25.43 -12.43 11.32
N GLY B 300 -26.14 -11.51 10.69
CA GLY B 300 -25.82 -11.09 9.33
C GLY B 300 -25.73 -9.57 9.23
N SER B 301 -25.06 -9.13 8.16
CA SER B 301 -24.78 -7.71 7.98
C SER B 301 -25.89 -7.10 7.13
N GLY B 302 -25.62 -5.93 6.57
CA GLY B 302 -26.61 -5.21 5.78
C GLY B 302 -26.56 -5.53 4.29
N LEU B 303 -25.63 -6.38 3.88
CA LEU B 303 -25.41 -6.58 2.45
C LEU B 303 -26.23 -7.77 1.97
N MET B 304 -26.98 -7.59 0.88
CA MET B 304 -27.76 -8.71 0.34
C MET B 304 -27.95 -8.48 -1.14
N SER B 305 -28.45 -9.53 -1.82
CA SER B 305 -28.84 -9.31 -3.20
C SER B 305 -30.18 -9.99 -3.45
N PHE B 306 -30.75 -9.69 -4.60
CA PHE B 306 -32.00 -10.33 -4.98
C PHE B 306 -32.10 -10.28 -6.50
N ARG B 307 -32.99 -11.10 -7.08
CA ARG B 307 -33.16 -11.11 -8.52
C ARG B 307 -34.56 -10.68 -8.90
N LEU B 308 -34.61 -9.84 -9.93
CA LEU B 308 -35.85 -9.50 -10.59
C LEU B 308 -36.24 -10.64 -11.52
N LYS B 309 -37.51 -10.61 -11.92
CA LYS B 309 -38.00 -11.54 -12.90
C LYS B 309 -37.76 -10.96 -14.29
N THR B 310 -36.53 -11.08 -14.79
CA THR B 310 -36.21 -10.56 -16.12
C THR B 310 -34.83 -11.07 -16.53
N ASP B 311 -34.57 -11.04 -17.83
CA ASP B 311 -33.20 -11.16 -18.34
C ASP B 311 -32.86 -9.90 -19.15
N SER B 312 -33.63 -8.82 -18.94
CA SER B 312 -33.44 -7.58 -19.67
C SER B 312 -32.65 -6.57 -18.82
N ALA B 313 -31.45 -6.24 -19.28
CA ALA B 313 -30.63 -5.21 -18.67
C ALA B 313 -31.39 -3.87 -18.63
N GLU B 314 -32.23 -3.64 -19.64
CA GLU B 314 -33.07 -2.46 -19.66
C GLU B 314 -34.09 -2.43 -18.50
N LYS B 315 -34.71 -3.56 -18.15
CA LYS B 315 -35.69 -3.54 -17.06
C LYS B 315 -34.98 -3.31 -15.71
N VAL B 316 -33.76 -3.85 -15.61
CA VAL B 316 -32.93 -3.67 -14.41
C VAL B 316 -32.60 -2.19 -14.30
N LYS B 317 -32.26 -1.55 -15.42
CA LYS B 317 -31.93 -0.13 -15.43
C LYS B 317 -33.12 0.71 -14.96
N GLU B 318 -34.31 0.38 -15.45
CA GLU B 318 -35.53 1.09 -15.09
C GLU B 318 -35.68 1.05 -13.57
N PHE B 319 -35.59 -0.18 -13.04
CA PHE B 319 -35.76 -0.44 -11.63
C PHE B 319 -34.77 0.41 -10.82
N VAL B 320 -33.47 0.29 -11.08
CA VAL B 320 -32.47 0.92 -10.22
C VAL B 320 -32.59 2.45 -10.31
N GLU B 321 -32.87 2.97 -11.51
CA GLU B 321 -32.94 4.42 -11.66
C GLU B 321 -34.21 4.98 -11.00
N SER B 322 -35.18 4.12 -10.72
CA SER B 322 -36.42 4.51 -10.06
C SER B 322 -36.25 4.68 -8.55
N LEU B 323 -35.21 4.10 -7.97
CA LEU B 323 -34.99 4.17 -6.53
C LEU B 323 -34.63 5.62 -6.17
N ARG B 324 -35.24 6.13 -5.09
CA ARG B 324 -35.01 7.50 -4.67
C ARG B 324 -34.28 7.56 -3.34
N VAL B 325 -34.10 6.43 -2.64
CA VAL B 325 -33.46 6.45 -1.32
C VAL B 325 -32.12 5.75 -1.42
N PHE B 326 -32.13 4.49 -1.87
CA PHE B 326 -30.89 3.81 -2.24
C PHE B 326 -30.15 4.63 -3.31
N ARG B 327 -28.85 4.80 -3.11
CA ARG B 327 -28.02 5.52 -4.06
C ARG B 327 -27.18 4.53 -4.84
N MET B 328 -27.02 4.79 -6.16
CA MET B 328 -26.16 3.98 -7.02
C MET B 328 -24.70 4.31 -6.69
N ALA B 329 -23.97 3.33 -6.17
CA ALA B 329 -22.57 3.49 -5.83
C ALA B 329 -22.00 2.11 -5.56
N VAL B 330 -20.68 1.96 -5.66
CA VAL B 330 -20.05 0.79 -5.14
C VAL B 330 -19.66 1.01 -3.67
N SER B 331 -19.02 0.01 -3.12
CA SER B 331 -18.66 -0.04 -1.70
C SER B 331 -19.94 -0.28 -0.88
N TRP B 332 -19.72 -0.41 0.43
CA TRP B 332 -20.75 -0.77 1.39
C TRP B 332 -20.11 -0.77 2.76
N GLY B 333 -20.95 -0.92 3.79
CA GLY B 333 -20.47 -1.10 5.15
C GLY B 333 -20.68 0.10 6.10
N SER B 334 -21.42 1.12 5.67
CA SER B 334 -21.59 2.33 6.44
C SER B 334 -23.08 2.55 6.66
N HIS B 335 -23.41 3.78 7.08
CA HIS B 335 -24.78 4.24 7.12
C HIS B 335 -25.43 4.31 5.74
N GLU B 336 -24.64 4.31 4.68
CA GLU B 336 -25.18 4.59 3.36
C GLU B 336 -26.02 3.42 2.87
N ASN B 337 -27.14 3.75 2.25
CA ASN B 337 -28.03 2.76 1.62
C ASN B 337 -27.73 2.78 0.13
N LEU B 338 -27.09 1.71 -0.37
CA LEU B 338 -26.47 1.68 -1.69
C LEU B 338 -27.05 0.56 -2.53
N VAL B 339 -27.06 0.79 -3.84
CA VAL B 339 -27.50 -0.21 -4.79
C VAL B 339 -26.48 -0.28 -5.94
N VAL B 340 -26.24 -1.50 -6.40
CA VAL B 340 -25.52 -1.70 -7.64
C VAL B 340 -26.13 -2.91 -8.34
N PRO B 341 -26.62 -2.78 -9.59
CA PRO B 341 -27.02 -3.98 -10.35
C PRO B 341 -25.77 -4.62 -10.95
N ARG B 342 -25.66 -5.94 -10.82
CA ARG B 342 -24.46 -6.62 -11.28
C ARG B 342 -24.26 -6.39 -12.76
N VAL B 343 -25.33 -6.13 -13.49
CA VAL B 343 -25.22 -5.97 -14.94
C VAL B 343 -24.46 -4.69 -15.30
N ALA B 344 -24.23 -3.82 -14.32
CA ALA B 344 -23.43 -2.64 -14.60
C ALA B 344 -21.99 -3.00 -14.90
N TYR B 345 -21.48 -4.12 -14.35
CA TYR B 345 -20.10 -4.49 -14.47
C TYR B 345 -19.85 -5.10 -15.86
N GLY B 346 -18.67 -4.87 -16.43
CA GLY B 346 -18.35 -5.41 -17.74
C GLY B 346 -18.34 -6.95 -17.75
N ASP B 347 -17.80 -7.54 -16.69
CA ASP B 347 -17.63 -8.99 -16.61
C ASP B 347 -18.80 -9.66 -15.90
N CYS B 348 -19.98 -9.03 -15.88
CA CYS B 348 -21.13 -9.63 -15.24
C CYS B 348 -21.49 -10.93 -15.97
N PRO B 349 -21.64 -12.09 -15.27
CA PRO B 349 -22.10 -13.32 -15.91
C PRO B 349 -23.47 -13.11 -16.53
N LYS B 350 -23.76 -13.73 -17.68
CA LYS B 350 -25.09 -13.57 -18.26
C LYS B 350 -26.20 -13.96 -17.26
N LYS B 351 -25.96 -15.01 -16.46
CA LYS B 351 -26.90 -15.51 -15.46
C LYS B 351 -27.32 -14.42 -14.45
N ASP B 352 -26.47 -13.41 -14.26
CA ASP B 352 -26.64 -12.42 -13.19
C ASP B 352 -27.12 -11.09 -13.74
N VAL B 353 -27.70 -11.08 -14.94
CA VAL B 353 -28.23 -9.87 -15.51
C VAL B 353 -29.30 -9.30 -14.58
N ASN B 354 -30.04 -10.18 -13.91
CA ASN B 354 -31.16 -9.78 -13.07
C ASN B 354 -30.79 -9.59 -11.60
N LEU B 355 -29.49 -9.66 -11.25
CA LEU B 355 -29.08 -9.67 -9.84
C LEU B 355 -28.79 -8.24 -9.37
N ILE B 356 -29.48 -7.80 -8.30
CA ILE B 356 -29.28 -6.47 -7.74
C ILE B 356 -28.64 -6.63 -6.37
N ARG B 357 -27.60 -5.85 -6.07
CA ARG B 357 -27.05 -5.88 -4.72
C ARG B 357 -27.41 -4.59 -3.99
N ILE B 358 -27.91 -4.71 -2.76
CA ILE B 358 -28.24 -3.53 -1.98
C ILE B 358 -27.50 -3.64 -0.64
N HIS B 359 -27.19 -2.46 -0.08
CA HIS B 359 -26.65 -2.39 1.27
C HIS B 359 -27.65 -1.60 2.10
N VAL B 360 -28.07 -2.26 3.17
CA VAL B 360 -29.02 -1.73 4.13
C VAL B 360 -28.24 -1.06 5.26
N GLY B 361 -28.49 0.24 5.44
CA GLY B 361 -27.76 1.08 6.38
C GLY B 361 -28.33 1.05 7.80
N LEU B 362 -28.26 2.18 8.51
CA LEU B 362 -28.46 2.26 9.96
C LEU B 362 -29.73 2.96 10.34
N GLY B 363 -30.55 3.27 9.34
CA GLY B 363 -31.78 4.01 9.58
C GLY B 363 -33.02 3.12 9.72
N ASP B 364 -34.15 3.72 9.32
CA ASP B 364 -35.46 3.13 9.48
C ASP B 364 -35.74 2.24 8.27
N PRO B 365 -35.79 0.92 8.46
CA PRO B 365 -35.87 0.03 7.32
C PRO B 365 -37.18 0.21 6.55
N GLU B 366 -38.22 0.77 7.17
CA GLU B 366 -39.47 1.01 6.46
C GLU B 366 -39.26 1.99 5.30
N LYS B 367 -38.30 2.91 5.42
CA LYS B 367 -38.03 3.85 4.36
C LYS B 367 -37.45 3.12 3.15
N LEU B 368 -36.58 2.15 3.42
CA LEU B 368 -35.99 1.30 2.40
C LEU B 368 -37.04 0.37 1.75
N VAL B 369 -37.94 -0.18 2.58
CA VAL B 369 -39.01 -1.06 2.10
C VAL B 369 -39.90 -0.26 1.16
N GLU B 370 -40.24 0.97 1.54
CA GLU B 370 -41.12 1.80 0.71
C GLU B 370 -40.43 2.19 -0.59
N ASP B 371 -39.13 2.54 -0.52
CA ASP B 371 -38.39 2.81 -1.75
C ASP B 371 -38.41 1.61 -2.71
N LEU B 372 -38.08 0.41 -2.21
CA LEU B 372 -38.08 -0.79 -3.04
C LEU B 372 -39.46 -1.06 -3.60
N ASP B 373 -40.47 -0.88 -2.74
CA ASP B 373 -41.84 -1.17 -3.13
C ASP B 373 -42.24 -0.29 -4.31
N GLN B 374 -41.99 1.02 -4.19
CA GLN B 374 -42.45 1.95 -5.22
C GLN B 374 -41.71 1.68 -6.53
N ALA B 375 -40.44 1.29 -6.44
CA ALA B 375 -39.68 1.02 -7.65
C ALA B 375 -40.13 -0.29 -8.33
N LEU B 376 -40.42 -1.30 -7.52
CA LEU B 376 -40.92 -2.59 -7.99
C LEU B 376 -42.27 -2.41 -8.66
N LYS B 377 -43.08 -1.50 -8.14
CA LYS B 377 -44.39 -1.28 -8.75
C LYS B 377 -44.25 -0.70 -10.15
N LYS B 378 -43.12 -0.06 -10.46
CA LYS B 378 -43.00 0.69 -11.71
C LYS B 378 -42.50 -0.20 -12.85
N ILE B 379 -42.18 -1.46 -12.60
CA ILE B 379 -41.76 -2.33 -13.70
C ILE B 379 -42.92 -3.25 -14.02
N ALA B 380 -43.01 -3.73 -15.26
CA ALA B 380 -44.13 -4.58 -15.67
C ALA B 380 -44.10 -5.97 -15.00
N ALA B 381 -45.27 -6.58 -14.80
CA ALA B 381 -45.39 -7.92 -14.23
C ALA B 381 -45.06 -8.98 -15.30
#